data_6WVG
#
_entry.id   6WVG
#
_cell.length_a   49.310
_cell.length_b   209.770
_cell.length_c   73.280
_cell.angle_alpha   90.000
_cell.angle_beta   100.290
_cell.angle_gamma   90.000
#
_symmetry.space_group_name_H-M   'P 1 21 1'
#
loop_
_entity.id
_entity.type
_entity.pdbx_description
1 polymer 'Green fluorescent protein, Leukocyte surface antigen CD53 chimera'
2 non-polymer '(2R)-2,3-dihydroxypropyl (9Z)-octadec-9-enoate'
3 non-polymer 2-acetamido-2-deoxy-beta-D-glucopyranose
4 water water
#
_entity_poly.entity_id   1
_entity_poly.type   'polypeptide(L)'
_entity_poly.pdbx_seq_one_letter_code
;MSKGEELFTGVVPILVELDGDVNGHKFSVRGEGEGDATNGKLTLKFICTTGKLPVPWPTLVTTL(CRO)VQCFSRYPDHM
KRHDFFKSAMPEGYVQERTISFKDDGTYKTRAEVKFEGDTLVNRIELKGIDFKEDGNILGHKLEYNMGMSSLKLLKYVLF
FFNLLFWICGCCILGFGIYLLIHNNFGVLFHNLPSLTLGNVFVIVGSIIMVVAFLGCMGSIKENKSLLMSFFILLLIILL
AEVTLAILLFVYEQKLNEYVAKGLTDSIHRYHSDNSTKAAWDSIQSFLQCCGIAGTSDWTSGPPASCPSDRKVEGCYAKA
RLWFHSNFLYIGIITICVCVIEVLGMSFALTLNSQIDKTSQTIGLFNSHNVYITADKQKNGIKANFKIRHNVEDGSVQLA
DHYQQNTPIGDGPVLLPDNHYLSTQSVLSKDPNEKRDHMVLLEFVTAAGITHHHHHHHHHH
;
_entity_poly.pdbx_strand_id   A,B
#
# COMPACT_ATOMS: atom_id res chain seq x y z
N SER A 2 -49.43 -0.53 -47.84
CA SER A 2 -49.37 -1.98 -47.70
C SER A 2 -50.68 -2.56 -47.17
N LYS A 3 -50.96 -3.81 -47.53
CA LYS A 3 -52.12 -4.50 -47.00
C LYS A 3 -51.88 -4.98 -45.59
N GLY A 4 -50.61 -5.10 -45.17
CA GLY A 4 -50.34 -5.47 -43.80
C GLY A 4 -50.69 -4.39 -42.81
N GLU A 5 -50.42 -3.13 -43.17
CA GLU A 5 -50.83 -2.04 -42.29
C GLU A 5 -52.35 -1.92 -42.22
N GLU A 6 -53.07 -2.39 -43.24
CA GLU A 6 -54.53 -2.43 -43.16
C GLU A 6 -54.97 -3.37 -42.03
N LEU A 7 -54.16 -4.38 -41.72
CA LEU A 7 -54.42 -5.28 -40.59
C LEU A 7 -54.11 -4.68 -39.23
N PHE A 8 -53.34 -3.58 -39.18
CA PHE A 8 -52.88 -3.02 -37.91
C PHE A 8 -53.48 -1.66 -37.57
N THR A 9 -54.55 -1.23 -38.25
CA THR A 9 -55.08 0.10 -37.96
C THR A 9 -55.71 0.18 -36.57
N GLY A 10 -56.24 -0.92 -36.03
CA GLY A 10 -56.84 -0.93 -34.72
C GLY A 10 -55.95 -1.54 -33.64
N VAL A 11 -56.58 -1.86 -32.52
CA VAL A 11 -55.90 -2.55 -31.43
C VAL A 11 -56.16 -4.04 -31.60
N VAL A 12 -55.08 -4.82 -31.63
CA VAL A 12 -55.14 -6.23 -32.00
C VAL A 12 -54.77 -7.05 -30.79
N PRO A 13 -55.53 -8.10 -30.45
CA PRO A 13 -55.14 -8.97 -29.33
C PRO A 13 -53.81 -9.63 -29.64
N ILE A 14 -53.03 -9.89 -28.59
CA ILE A 14 -51.71 -10.50 -28.72
C ILE A 14 -51.65 -11.75 -27.87
N LEU A 15 -51.02 -12.79 -28.41
CA LEU A 15 -50.69 -14.00 -27.68
C LEU A 15 -49.22 -14.29 -27.88
N VAL A 16 -48.48 -14.48 -26.78
CA VAL A 16 -47.05 -14.78 -26.84
C VAL A 16 -46.79 -16.08 -26.08
N GLU A 17 -46.00 -16.97 -26.68
CA GLU A 17 -45.63 -18.25 -26.08
C GLU A 17 -44.14 -18.52 -26.27
N LEU A 18 -43.46 -18.80 -25.17
CA LEU A 18 -42.02 -19.04 -25.14
C LEU A 18 -41.74 -20.33 -24.39
N ASP A 19 -41.14 -21.32 -25.07
CA ASP A 19 -40.62 -22.50 -24.41
C ASP A 19 -39.11 -22.43 -24.46
N GLY A 20 -38.46 -22.40 -23.30
CA GLY A 20 -37.05 -22.15 -23.21
C GLY A 20 -36.29 -23.20 -22.42
N ASP A 21 -34.97 -23.16 -22.60
CA ASP A 21 -34.03 -24.00 -21.87
C ASP A 21 -32.72 -23.23 -21.76
N VAL A 22 -32.30 -22.96 -20.53
CA VAL A 22 -31.04 -22.26 -20.25
C VAL A 22 -30.20 -23.17 -19.38
N ASN A 23 -29.16 -23.76 -19.97
CA ASN A 23 -28.28 -24.69 -19.26
C ASN A 23 -29.04 -25.84 -18.61
N GLY A 24 -30.06 -26.35 -19.28
CA GLY A 24 -30.83 -27.43 -18.73
C GLY A 24 -31.99 -27.02 -17.85
N HIS A 25 -32.10 -25.74 -17.53
CA HIS A 25 -33.24 -25.21 -16.80
C HIS A 25 -34.36 -24.96 -17.79
N LYS A 26 -35.44 -25.72 -17.69
CA LYS A 26 -36.53 -25.61 -18.65
C LYS A 26 -37.66 -24.78 -18.06
N PHE A 27 -38.28 -23.95 -18.91
CA PHE A 27 -39.33 -23.06 -18.44
C PHE A 27 -40.23 -22.70 -19.61
N SER A 28 -41.43 -22.22 -19.28
CA SER A 28 -42.42 -21.77 -20.25
C SER A 28 -42.99 -20.44 -19.79
N VAL A 29 -43.23 -19.54 -20.75
CA VAL A 29 -43.83 -18.23 -20.46
C VAL A 29 -45.02 -18.04 -21.40
N ARG A 30 -46.14 -17.57 -20.84
CA ARG A 30 -47.32 -17.25 -21.62
C ARG A 30 -47.71 -15.80 -21.32
N GLY A 31 -47.83 -15.01 -22.35
CA GLY A 31 -48.18 -13.61 -22.19
C GLY A 31 -49.37 -13.26 -23.07
N GLU A 32 -50.25 -12.45 -22.52
CA GLU A 32 -51.44 -12.00 -23.22
C GLU A 32 -51.45 -10.49 -23.15
N GLY A 33 -52.17 -9.88 -24.08
CA GLY A 33 -52.21 -8.43 -24.10
C GLY A 33 -52.81 -7.90 -25.38
N GLU A 34 -52.49 -6.64 -25.65
CA GLU A 34 -53.16 -5.87 -26.66
C GLU A 34 -52.12 -5.00 -27.37
N GLY A 35 -52.27 -4.82 -28.68
CA GLY A 35 -51.30 -4.05 -29.44
C GLY A 35 -51.91 -2.94 -30.28
N ASP A 36 -51.55 -1.70 -29.97
CA ASP A 36 -52.04 -0.51 -30.66
C ASP A 36 -50.94 0.05 -31.54
N ALA A 37 -50.97 -0.28 -32.83
CA ALA A 37 -49.91 0.15 -33.74
C ALA A 37 -50.01 1.61 -34.14
N THR A 38 -51.19 2.23 -33.99
CA THR A 38 -51.31 3.65 -34.33
C THR A 38 -50.49 4.52 -33.40
N ASN A 39 -50.45 4.16 -32.12
CA ASN A 39 -49.68 4.89 -31.12
C ASN A 39 -48.38 4.17 -30.76
N GLY A 40 -48.13 3.01 -31.36
CA GLY A 40 -46.94 2.23 -31.03
C GLY A 40 -46.88 1.82 -29.57
N LYS A 41 -48.00 1.39 -28.99
CA LYS A 41 -48.08 1.01 -27.59
C LYS A 41 -48.35 -0.49 -27.48
N LEU A 42 -47.70 -1.12 -26.50
CA LEU A 42 -47.91 -2.52 -26.16
C LEU A 42 -48.20 -2.61 -24.68
N THR A 43 -49.20 -3.40 -24.32
CA THR A 43 -49.50 -3.70 -22.92
C THR A 43 -49.69 -5.20 -22.80
N LEU A 44 -48.77 -5.86 -22.09
CA LEU A 44 -48.74 -7.30 -22.00
C LEU A 44 -48.44 -7.72 -20.57
N LYS A 45 -48.89 -8.91 -20.20
CA LYS A 45 -48.71 -9.47 -18.86
C LYS A 45 -48.27 -10.91 -19.03
N PHE A 46 -46.98 -11.19 -18.80
CA PHE A 46 -46.49 -12.54 -19.05
C PHE A 46 -46.42 -13.31 -17.74
N ILE A 47 -46.66 -14.61 -17.82
CA ILE A 47 -46.69 -15.49 -16.67
C ILE A 47 -45.85 -16.72 -16.96
N CYS A 48 -45.08 -17.15 -15.96
CA CYS A 48 -44.25 -18.35 -16.06
C CYS A 48 -45.08 -19.58 -15.69
N THR A 49 -45.47 -20.36 -16.71
CA THR A 49 -46.34 -21.52 -16.50
C THR A 49 -45.67 -22.64 -15.71
N THR A 50 -44.34 -22.66 -15.63
CA THR A 50 -43.61 -23.77 -15.01
C THR A 50 -43.13 -23.47 -13.60
N GLY A 51 -43.65 -22.43 -12.95
CA GLY A 51 -43.23 -22.11 -11.60
C GLY A 51 -42.52 -20.79 -11.49
N LYS A 52 -41.22 -20.80 -11.17
CA LYS A 52 -40.42 -19.59 -11.08
C LYS A 52 -39.45 -19.52 -12.24
N LEU A 53 -39.27 -18.32 -12.78
CA LEU A 53 -38.43 -18.13 -13.96
C LEU A 53 -36.97 -18.32 -13.58
N PRO A 54 -36.24 -19.25 -14.22
CA PRO A 54 -34.82 -19.45 -13.90
C PRO A 54 -33.90 -18.34 -14.38
N VAL A 55 -34.43 -17.32 -15.04
CA VAL A 55 -33.62 -16.21 -15.53
C VAL A 55 -34.28 -14.90 -15.09
N PRO A 56 -33.55 -13.78 -15.14
CA PRO A 56 -34.16 -12.49 -14.81
C PRO A 56 -35.17 -12.11 -15.89
N TRP A 57 -36.35 -11.66 -15.46
CA TRP A 57 -37.36 -11.22 -16.41
C TRP A 57 -36.86 -10.23 -17.46
N PRO A 58 -36.01 -9.23 -17.15
CA PRO A 58 -35.55 -8.32 -18.21
C PRO A 58 -34.84 -9.01 -19.37
N THR A 59 -34.14 -10.14 -19.14
CA THR A 59 -33.45 -10.81 -20.24
C THR A 59 -34.40 -11.39 -21.27
N LEU A 60 -35.68 -11.58 -20.93
CA LEU A 60 -36.61 -12.18 -21.89
C LEU A 60 -37.39 -11.15 -22.70
N VAL A 61 -37.40 -9.86 -22.31
CA VAL A 61 -38.34 -8.95 -22.96
C VAL A 61 -37.97 -8.70 -24.42
N THR A 62 -36.70 -8.83 -24.80
CA THR A 62 -36.37 -8.67 -26.22
C THR A 62 -36.90 -9.84 -27.02
N THR A 63 -36.73 -11.06 -26.50
CA THR A 63 -37.26 -12.21 -27.20
C THR A 63 -38.78 -12.24 -27.15
N LEU A 64 -39.35 -11.81 -26.04
CA LEU A 64 -40.80 -11.72 -25.91
C LEU A 64 -41.34 -10.57 -26.73
N VAL A 66 -42.52 -8.45 -30.78
CA VAL A 66 -43.46 -8.27 -31.90
C VAL A 66 -43.42 -6.84 -32.46
N GLN A 67 -42.39 -6.59 -33.26
CA GLN A 67 -42.07 -5.30 -33.87
C GLN A 67 -43.03 -4.90 -34.98
N CYS A 68 -44.06 -5.69 -35.26
CA CYS A 68 -45.05 -5.27 -36.22
C CYS A 68 -46.04 -4.26 -35.65
N PHE A 69 -46.02 -4.05 -34.33
CA PHE A 69 -46.81 -3.01 -33.69
C PHE A 69 -46.03 -1.70 -33.54
N SER A 70 -44.84 -1.62 -34.13
CA SER A 70 -44.08 -0.38 -34.14
C SER A 70 -44.85 0.70 -34.89
N ARG A 71 -44.77 1.93 -34.41
CA ARG A 71 -45.43 3.05 -35.09
C ARG A 71 -44.45 3.61 -36.12
N TYR A 72 -44.66 3.30 -37.40
CA TYR A 72 -43.90 4.01 -38.43
C TYR A 72 -44.65 5.26 -38.85
N PRO A 73 -44.07 6.45 -38.70
CA PRO A 73 -44.76 7.67 -39.13
C PRO A 73 -45.07 7.64 -40.62
N ASP A 74 -45.97 8.55 -41.03
CA ASP A 74 -46.52 8.47 -42.38
C ASP A 74 -45.43 8.56 -43.44
N HIS A 75 -44.39 9.38 -43.21
CA HIS A 75 -43.38 9.51 -44.25
C HIS A 75 -42.47 8.29 -44.33
N MET A 76 -42.50 7.41 -43.33
CA MET A 76 -41.69 6.19 -43.32
C MET A 76 -42.49 4.91 -43.51
N LYS A 77 -43.80 5.01 -43.78
CA LYS A 77 -44.64 3.80 -43.84
C LYS A 77 -44.20 2.81 -44.91
N ARG A 78 -43.58 3.29 -46.00
CA ARG A 78 -43.19 2.36 -47.06
C ARG A 78 -41.88 1.62 -46.72
N HIS A 79 -41.44 1.69 -45.47
CA HIS A 79 -40.30 0.95 -44.98
C HIS A 79 -40.68 -0.07 -43.92
N ASP A 80 -41.97 -0.23 -43.65
CA ASP A 80 -42.43 -1.13 -42.58
C ASP A 80 -42.53 -2.55 -43.15
N PHE A 81 -41.40 -3.24 -43.08
CA PHE A 81 -41.34 -4.65 -43.49
C PHE A 81 -42.25 -5.52 -42.63
N PHE A 82 -42.26 -5.27 -41.32
CA PHE A 82 -42.95 -6.17 -40.41
C PHE A 82 -44.43 -6.31 -40.78
N LYS A 83 -45.13 -5.19 -40.96
CA LYS A 83 -46.55 -5.26 -41.29
C LYS A 83 -46.77 -5.87 -42.67
N SER A 84 -45.91 -5.56 -43.64
CA SER A 84 -46.10 -6.08 -44.99
C SER A 84 -46.08 -7.60 -45.00
N ALA A 85 -45.29 -8.21 -44.13
CA ALA A 85 -45.23 -9.67 -44.07
C ALA A 85 -46.53 -10.28 -43.58
N MET A 86 -47.37 -9.51 -42.89
CA MET A 86 -48.65 -10.02 -42.41
C MET A 86 -49.65 -10.15 -43.56
N PRO A 87 -50.73 -10.94 -43.38
CA PRO A 87 -51.11 -11.77 -42.23
C PRO A 87 -50.32 -13.07 -42.13
N GLU A 88 -49.61 -13.42 -43.19
CA GLU A 88 -48.88 -14.68 -43.19
C GLU A 88 -47.60 -14.61 -42.37
N GLY A 89 -47.21 -13.45 -41.90
CA GLY A 89 -46.20 -13.40 -40.87
C GLY A 89 -44.78 -13.52 -41.38
N TYR A 90 -43.89 -13.75 -40.41
CA TYR A 90 -42.47 -13.66 -40.67
C TYR A 90 -41.76 -14.47 -39.60
N VAL A 91 -40.51 -14.85 -39.86
CA VAL A 91 -39.72 -15.63 -38.91
C VAL A 91 -38.61 -14.74 -38.36
N GLN A 92 -38.55 -14.64 -37.04
CA GLN A 92 -37.54 -13.83 -36.37
C GLN A 92 -36.58 -14.72 -35.58
N GLU A 93 -35.32 -14.67 -35.97
CA GLU A 93 -34.23 -15.41 -35.32
C GLU A 93 -33.27 -14.44 -34.64
N ARG A 94 -32.69 -14.88 -33.53
CA ARG A 94 -31.75 -14.04 -32.82
C ARG A 94 -30.68 -14.86 -32.12
N THR A 95 -29.53 -14.22 -31.92
CA THR A 95 -28.43 -14.73 -31.13
C THR A 95 -28.09 -13.61 -30.14
N ILE A 96 -28.48 -13.79 -28.89
CA ILE A 96 -28.21 -12.80 -27.84
C ILE A 96 -27.01 -13.28 -27.05
N SER A 97 -25.92 -12.53 -27.09
CA SER A 97 -24.66 -12.90 -26.47
C SER A 97 -24.46 -12.05 -25.22
N PHE A 98 -24.55 -12.65 -24.04
CA PHE A 98 -24.32 -11.86 -22.84
C PHE A 98 -22.81 -11.82 -22.59
N LYS A 99 -22.29 -10.61 -22.39
CA LYS A 99 -20.86 -10.44 -22.22
C LYS A 99 -20.37 -11.18 -20.98
N ASP A 100 -19.25 -11.90 -21.14
CA ASP A 100 -18.63 -12.66 -20.04
C ASP A 100 -19.61 -13.68 -19.46
N ASP A 101 -20.50 -14.21 -20.28
CA ASP A 101 -21.50 -15.15 -19.81
C ASP A 101 -22.05 -15.90 -21.03
N GLY A 102 -23.22 -16.51 -20.88
CA GLY A 102 -23.77 -17.35 -21.92
C GLY A 102 -24.49 -16.57 -23.02
N THR A 103 -25.09 -17.33 -23.94
CA THR A 103 -25.79 -16.75 -25.08
C THR A 103 -27.17 -17.37 -25.21
N TYR A 104 -28.17 -16.53 -25.51
CA TYR A 104 -29.47 -17.04 -25.90
C TYR A 104 -29.47 -17.32 -27.40
N LYS A 105 -30.08 -18.44 -27.81
CA LYS A 105 -30.31 -18.69 -29.24
C LYS A 105 -31.79 -18.87 -29.46
N THR A 106 -32.34 -18.08 -30.37
CA THR A 106 -33.77 -17.90 -30.50
C THR A 106 -34.29 -18.15 -31.93
N ARG A 107 -35.45 -18.81 -32.03
CA ARG A 107 -36.21 -18.88 -33.28
C ARG A 107 -37.69 -18.67 -32.98
N ALA A 108 -38.34 -17.78 -33.76
CA ALA A 108 -39.72 -17.44 -33.48
C ALA A 108 -40.48 -17.14 -34.77
N GLU A 109 -41.77 -17.46 -34.77
CA GLU A 109 -42.70 -17.24 -35.86
C GLU A 109 -43.79 -16.31 -35.36
N VAL A 110 -44.00 -15.19 -36.06
CA VAL A 110 -45.03 -14.22 -35.71
C VAL A 110 -46.05 -14.20 -36.85
N LYS A 111 -47.29 -14.59 -36.54
CA LYS A 111 -48.35 -14.69 -37.54
C LYS A 111 -49.66 -14.19 -36.95
N PHE A 112 -50.62 -13.94 -37.83
CA PHE A 112 -52.01 -13.78 -37.44
C PHE A 112 -52.65 -15.15 -37.38
N GLU A 113 -53.16 -15.53 -36.22
CA GLU A 113 -53.85 -16.80 -36.04
C GLU A 113 -55.26 -16.48 -35.58
N GLY A 114 -56.23 -16.63 -36.49
CA GLY A 114 -57.58 -16.16 -36.19
C GLY A 114 -57.58 -14.65 -36.18
N ASP A 115 -58.13 -14.05 -35.12
CA ASP A 115 -58.15 -12.61 -34.98
C ASP A 115 -56.99 -12.07 -34.17
N THR A 116 -56.00 -12.90 -33.84
CA THR A 116 -54.96 -12.54 -32.90
C THR A 116 -53.59 -12.58 -33.55
N LEU A 117 -52.74 -11.64 -33.18
CA LEU A 117 -51.32 -11.65 -33.55
C LEU A 117 -50.59 -12.54 -32.54
N VAL A 118 -49.91 -13.57 -33.03
CA VAL A 118 -49.33 -14.61 -32.18
C VAL A 118 -47.82 -14.66 -32.37
N ASN A 119 -47.10 -14.83 -31.25
CA ASN A 119 -45.64 -14.91 -31.22
C ASN A 119 -45.26 -16.22 -30.52
N ARG A 120 -44.80 -17.20 -31.29
CA ARG A 120 -44.38 -18.49 -30.74
C ARG A 120 -42.86 -18.57 -30.83
N ILE A 121 -42.21 -18.78 -29.68
CA ILE A 121 -40.75 -18.73 -29.60
C ILE A 121 -40.24 -20.00 -28.95
N GLU A 122 -39.12 -20.52 -29.42
CA GLU A 122 -38.36 -21.49 -28.62
C GLU A 122 -36.98 -20.90 -28.37
N LEU A 123 -36.59 -20.87 -27.10
CA LEU A 123 -35.33 -20.29 -26.65
C LEU A 123 -34.42 -21.36 -26.07
N LYS A 124 -33.16 -21.35 -26.50
CA LYS A 124 -32.16 -22.24 -25.96
C LYS A 124 -30.94 -21.41 -25.55
N GLY A 125 -30.56 -21.51 -24.28
CA GLY A 125 -29.41 -20.80 -23.75
C GLY A 125 -28.30 -21.76 -23.38
N ILE A 126 -27.06 -21.41 -23.73
CA ILE A 126 -25.90 -22.25 -23.48
C ILE A 126 -24.78 -21.41 -22.86
N ASP A 127 -23.90 -22.11 -22.13
CA ASP A 127 -22.64 -21.57 -21.60
C ASP A 127 -22.85 -20.47 -20.56
N PHE A 128 -23.87 -20.56 -19.72
CA PHE A 128 -24.08 -19.54 -18.70
C PHE A 128 -23.45 -19.89 -17.36
N LYS A 129 -23.03 -18.84 -16.63
CA LYS A 129 -22.52 -19.00 -15.28
C LYS A 129 -23.67 -19.22 -14.30
N GLU A 130 -23.59 -20.30 -13.55
CA GLU A 130 -24.62 -20.65 -12.58
C GLU A 130 -24.66 -19.64 -11.42
N ASP A 131 -23.51 -19.03 -11.08
CA ASP A 131 -23.48 -17.93 -10.13
C ASP A 131 -23.24 -16.59 -10.82
N GLY A 132 -23.48 -16.51 -12.13
CA GLY A 132 -23.35 -15.28 -12.87
C GLY A 132 -24.56 -14.38 -12.64
N ASN A 133 -24.56 -13.26 -13.37
CA ASN A 133 -25.67 -12.32 -13.21
C ASN A 133 -26.98 -12.88 -13.75
N ILE A 134 -26.90 -13.70 -14.80
CA ILE A 134 -28.13 -14.21 -15.42
C ILE A 134 -28.77 -15.29 -14.57
N LEU A 135 -28.08 -16.41 -14.39
CA LEU A 135 -28.66 -17.51 -13.63
C LEU A 135 -28.71 -17.24 -12.13
N GLY A 136 -27.92 -16.30 -11.64
CA GLY A 136 -27.97 -15.97 -10.23
C GLY A 136 -28.98 -14.91 -9.86
N HIS A 137 -29.81 -14.46 -10.81
CA HIS A 137 -30.82 -13.43 -10.61
C HIS A 137 -30.21 -12.21 -9.90
N LYS A 138 -29.36 -11.50 -10.66
CA LYS A 138 -28.66 -10.34 -10.15
C LYS A 138 -28.92 -9.07 -10.96
N LEU A 139 -29.90 -9.10 -11.87
CA LEU A 139 -30.23 -7.96 -12.70
C LEU A 139 -31.43 -7.23 -12.10
N GLU A 140 -31.40 -5.91 -12.14
CA GLU A 140 -32.53 -5.14 -11.65
C GLU A 140 -33.75 -5.36 -12.53
N TYR A 141 -34.92 -5.15 -11.97
CA TYR A 141 -36.18 -5.40 -12.67
C TYR A 141 -36.66 -4.11 -13.33
N ASN A 142 -35.99 -3.77 -14.42
CA ASN A 142 -36.26 -2.54 -15.18
C ASN A 142 -35.58 -2.69 -16.55
N MET A 143 -35.74 -1.69 -17.41
CA MET A 143 -35.13 -1.73 -18.74
C MET A 143 -34.65 -0.35 -19.16
N GLY A 144 -34.06 0.39 -18.22
CA GLY A 144 -33.41 1.64 -18.52
C GLY A 144 -31.94 1.55 -18.12
N MET A 145 -31.17 2.51 -18.60
CA MET A 145 -29.78 2.63 -18.18
C MET A 145 -29.71 3.38 -16.85
N SER A 146 -28.66 3.12 -16.09
CA SER A 146 -28.46 3.75 -14.80
C SER A 146 -27.24 4.67 -14.85
N SER A 147 -27.21 5.61 -13.92
CA SER A 147 -26.13 6.59 -13.87
C SER A 147 -24.81 5.92 -13.54
N LEU A 148 -23.73 6.41 -14.15
CA LEU A 148 -22.38 5.99 -13.78
C LEU A 148 -21.96 6.70 -12.51
N LYS A 149 -21.67 5.92 -11.47
CA LYS A 149 -21.22 6.46 -10.18
C LYS A 149 -19.70 6.40 -10.15
N LEU A 150 -19.04 7.51 -10.48
CA LEU A 150 -17.58 7.47 -10.50
C LEU A 150 -17.00 7.33 -9.09
N LEU A 151 -17.76 7.71 -8.05
CA LEU A 151 -17.28 7.48 -6.68
C LEU A 151 -17.12 6.00 -6.38
N LYS A 152 -17.89 5.15 -7.07
CA LYS A 152 -17.76 3.71 -6.95
C LYS A 152 -16.31 3.29 -7.10
N TYR A 153 -15.61 3.88 -8.07
CA TYR A 153 -14.23 3.54 -8.37
C TYR A 153 -13.23 4.31 -7.53
N VAL A 154 -13.52 5.58 -7.23
CA VAL A 154 -12.61 6.38 -6.41
C VAL A 154 -12.45 5.76 -5.03
N LEU A 155 -13.57 5.45 -4.37
CA LEU A 155 -13.51 4.79 -3.07
C LEU A 155 -12.79 3.45 -3.17
N PHE A 156 -13.20 2.60 -4.11
CA PHE A 156 -12.57 1.29 -4.24
C PHE A 156 -11.06 1.41 -4.44
N PHE A 157 -10.62 2.40 -5.22
CA PHE A 157 -9.20 2.57 -5.49
C PHE A 157 -8.41 2.91 -4.23
N PHE A 158 -8.82 3.96 -3.52
CA PHE A 158 -8.06 4.36 -2.34
C PHE A 158 -8.11 3.30 -1.25
N ASN A 159 -9.30 2.74 -1.00
CA ASN A 159 -9.44 1.76 0.06
C ASN A 159 -8.68 0.47 -0.22
N LEU A 160 -8.51 0.12 -1.50
CA LEU A 160 -7.68 -1.03 -1.82
C LEU A 160 -6.24 -0.76 -1.40
N LEU A 161 -5.74 0.44 -1.67
CA LEU A 161 -4.39 0.80 -1.25
C LEU A 161 -4.28 0.81 0.27
N PHE A 162 -5.27 1.41 0.94
CA PHE A 162 -5.27 1.44 2.40
C PHE A 162 -5.43 0.04 2.98
N TRP A 163 -6.19 -0.82 2.30
CA TRP A 163 -6.28 -2.22 2.70
C TRP A 163 -4.93 -2.89 2.69
N ILE A 164 -4.16 -2.68 1.62
CA ILE A 164 -2.85 -3.32 1.52
C ILE A 164 -1.87 -2.70 2.52
N CYS A 165 -1.93 -1.38 2.71
CA CYS A 165 -1.12 -0.77 3.75
C CYS A 165 -1.40 -1.41 5.10
N GLY A 166 -2.68 -1.57 5.44
CA GLY A 166 -3.03 -2.18 6.71
C GLY A 166 -2.55 -3.62 6.83
N CYS A 167 -2.62 -4.38 5.72
CA CYS A 167 -2.14 -5.76 5.75
C CYS A 167 -0.66 -5.81 6.09
N CYS A 168 0.13 -4.88 5.56
CA CYS A 168 1.56 -4.86 5.85
C CYS A 168 1.82 -4.38 7.28
N ILE A 169 1.07 -3.38 7.73
CA ILE A 169 1.20 -2.93 9.11
C ILE A 169 0.84 -4.06 10.07
N LEU A 170 -0.27 -4.76 9.79
CA LEU A 170 -0.63 -5.92 10.59
C LEU A 170 0.43 -7.00 10.50
N GLY A 171 0.95 -7.24 9.30
CA GLY A 171 1.98 -8.26 9.13
C GLY A 171 3.23 -7.95 9.93
N PHE A 172 3.67 -6.69 9.92
CA PHE A 172 4.87 -6.35 10.68
C PHE A 172 4.61 -6.49 12.18
N GLY A 173 3.41 -6.12 12.63
CA GLY A 173 3.06 -6.38 14.02
C GLY A 173 3.04 -7.86 14.34
N ILE A 174 2.49 -8.68 13.43
CA ILE A 174 2.49 -10.13 13.63
C ILE A 174 3.94 -10.64 13.69
N TYR A 175 4.80 -10.09 12.83
CA TYR A 175 6.22 -10.43 12.88
C TYR A 175 6.82 -10.07 14.24
N LEU A 176 6.59 -8.83 14.70
CA LEU A 176 7.18 -8.41 15.96
C LEU A 176 6.64 -9.20 17.16
N LEU A 177 5.36 -9.55 17.17
CA LEU A 177 4.85 -10.35 18.29
C LEU A 177 5.56 -11.70 18.35
N ILE A 178 5.76 -12.34 17.20
CA ILE A 178 6.40 -13.65 17.17
C ILE A 178 7.93 -13.53 17.11
N HIS A 179 8.47 -12.60 16.32
CA HIS A 179 9.91 -12.62 16.06
C HIS A 179 10.71 -12.06 17.22
N ASN A 180 10.30 -10.92 17.77
CA ASN A 180 11.13 -10.22 18.75
C ASN A 180 10.41 -10.15 20.10
N ASN A 181 11.20 -9.90 21.13
CA ASN A 181 10.69 -9.72 22.48
C ASN A 181 11.25 -8.42 23.04
N PHE A 182 10.38 -7.41 23.20
CA PHE A 182 10.75 -6.16 23.86
C PHE A 182 10.11 -6.05 25.24
N GLY A 183 9.74 -7.17 25.86
CA GLY A 183 9.16 -7.20 27.18
C GLY A 183 7.84 -6.44 27.27
N VAL A 184 7.45 -6.15 28.51
CA VAL A 184 6.25 -5.39 28.81
C VAL A 184 6.65 -4.26 29.75
N LEU A 185 6.51 -3.02 29.27
CA LEU A 185 6.88 -1.87 30.10
C LEU A 185 5.98 -1.72 31.32
N PHE A 186 4.68 -2.02 31.18
CA PHE A 186 3.71 -1.86 32.26
C PHE A 186 3.10 -3.22 32.55
N HIS A 187 3.45 -3.80 33.72
CA HIS A 187 3.10 -5.20 33.97
C HIS A 187 1.55 -5.31 34.00
N ASN A 188 0.87 -4.18 34.35
CA ASN A 188 -0.59 -4.06 34.45
C ASN A 188 -1.25 -3.87 33.09
N LEU A 189 -0.50 -3.42 32.08
CA LEU A 189 -1.02 -3.27 30.73
C LEU A 189 -0.17 -4.18 29.84
N PRO A 190 -0.40 -5.50 29.89
CA PRO A 190 0.41 -6.40 29.07
C PRO A 190 0.15 -6.21 27.60
N SER A 191 -1.04 -5.73 27.24
CA SER A 191 -1.40 -5.54 25.85
C SER A 191 -0.56 -4.45 25.17
N LEU A 192 0.03 -3.56 25.95
CA LEU A 192 0.71 -2.38 25.40
C LEU A 192 2.14 -2.75 25.01
N THR A 193 2.27 -3.34 23.83
CA THR A 193 3.54 -3.66 23.22
C THR A 193 3.62 -3.02 21.84
N LEU A 194 4.85 -2.85 21.36
CA LEU A 194 5.04 -2.26 20.03
C LEU A 194 4.40 -3.12 18.95
N GLY A 195 4.49 -4.44 19.12
CA GLY A 195 3.84 -5.33 18.15
C GLY A 195 2.33 -5.25 18.20
N ASN A 196 1.74 -5.18 19.40
CA ASN A 196 0.28 -5.16 19.48
C ASN A 196 -0.29 -3.86 18.95
N VAL A 197 0.37 -2.73 19.21
CA VAL A 197 -0.15 -1.46 18.69
C VAL A 197 -0.15 -1.49 17.16
N PHE A 198 0.88 -2.09 16.55
CA PHE A 198 0.86 -2.32 15.12
C PHE A 198 -0.31 -3.21 14.72
N VAL A 199 -0.52 -4.31 15.46
CA VAL A 199 -1.60 -5.24 15.15
C VAL A 199 -2.95 -4.56 15.30
N ILE A 200 -3.13 -3.76 16.35
CA ILE A 200 -4.41 -3.10 16.57
C ILE A 200 -4.70 -2.10 15.47
N VAL A 201 -3.75 -1.18 15.22
CA VAL A 201 -3.99 -0.17 14.20
C VAL A 201 -4.09 -0.80 12.82
N GLY A 202 -3.24 -1.78 12.52
CA GLY A 202 -3.33 -2.47 11.25
C GLY A 202 -4.69 -3.13 11.04
N SER A 203 -5.18 -3.81 12.08
CA SER A 203 -6.46 -4.51 11.99
C SER A 203 -7.60 -3.53 11.73
N ILE A 204 -7.62 -2.40 12.46
CA ILE A 204 -8.67 -1.41 12.28
C ILE A 204 -8.64 -0.85 10.87
N ILE A 205 -7.44 -0.58 10.34
CA ILE A 205 -7.33 -0.09 8.97
C ILE A 205 -7.94 -1.09 8.00
N MET A 206 -7.62 -2.37 8.17
CA MET A 206 -8.10 -3.36 7.21
C MET A 206 -9.62 -3.47 7.22
N VAL A 207 -10.24 -3.39 8.40
CA VAL A 207 -11.70 -3.54 8.46
C VAL A 207 -12.37 -2.30 7.87
N VAL A 208 -11.79 -1.12 8.05
CA VAL A 208 -12.36 0.07 7.43
C VAL A 208 -12.17 0.02 5.92
N ALA A 209 -10.96 -0.33 5.48
CA ALA A 209 -10.70 -0.43 4.04
C ALA A 209 -11.55 -1.53 3.42
N PHE A 210 -11.76 -2.64 4.14
CA PHE A 210 -12.62 -3.69 3.63
C PHE A 210 -14.05 -3.21 3.46
N LEU A 211 -14.57 -2.47 4.44
CA LEU A 211 -15.92 -1.95 4.31
C LEU A 211 -16.01 -0.93 3.18
N GLY A 212 -14.98 -0.10 3.02
CA GLY A 212 -14.97 0.84 1.90
C GLY A 212 -14.93 0.14 0.56
N CYS A 213 -14.06 -0.86 0.41
CA CYS A 213 -13.96 -1.59 -0.85
C CYS A 213 -15.25 -2.33 -1.18
N MET A 214 -15.71 -3.19 -0.27
CA MET A 214 -16.93 -3.96 -0.53
C MET A 214 -18.14 -3.06 -0.68
N GLY A 215 -18.22 -2.00 0.12
CA GLY A 215 -19.38 -1.11 0.03
C GLY A 215 -19.45 -0.36 -1.28
N SER A 216 -18.31 0.16 -1.74
CA SER A 216 -18.30 0.97 -2.96
C SER A 216 -18.48 0.11 -4.21
N ILE A 217 -17.71 -1.00 -4.32
CA ILE A 217 -17.72 -1.74 -5.58
C ILE A 217 -19.02 -2.52 -5.76
N LYS A 218 -19.65 -2.96 -4.67
CA LYS A 218 -20.93 -3.67 -4.76
C LYS A 218 -22.11 -2.74 -4.55
N GLU A 219 -21.84 -1.47 -4.27
CA GLU A 219 -22.88 -0.46 -4.04
C GLU A 219 -23.89 -0.94 -3.01
N ASN A 220 -23.35 -1.41 -1.89
CA ASN A 220 -24.11 -1.88 -0.75
C ASN A 220 -24.25 -0.73 0.23
N LYS A 221 -25.46 -0.16 0.30
CA LYS A 221 -25.70 1.01 1.14
C LYS A 221 -25.35 0.73 2.60
N SER A 222 -25.69 -0.46 3.09
CA SER A 222 -25.45 -0.78 4.48
C SER A 222 -23.95 -0.83 4.78
N LEU A 223 -23.14 -1.36 3.85
CA LEU A 223 -21.70 -1.34 4.05
C LEU A 223 -21.16 0.08 3.98
N LEU A 224 -21.71 0.90 3.08
CA LEU A 224 -21.31 2.31 3.04
C LEU A 224 -21.61 3.00 4.36
N MET A 225 -22.80 2.76 4.93
CA MET A 225 -23.14 3.39 6.20
C MET A 225 -22.23 2.86 7.32
N SER A 226 -22.00 1.54 7.33
CA SER A 226 -21.06 0.97 8.29
C SER A 226 -19.69 1.62 8.15
N PHE A 227 -19.18 1.69 6.93
CA PHE A 227 -17.92 2.40 6.65
C PHE A 227 -17.96 3.82 7.16
N PHE A 228 -19.09 4.51 6.97
CA PHE A 228 -19.21 5.90 7.44
C PHE A 228 -19.22 5.96 8.96
N ILE A 229 -20.09 5.17 9.60
CA ILE A 229 -20.20 5.21 11.06
C ILE A 229 -18.87 4.86 11.71
N LEU A 230 -18.21 3.82 11.21
CA LEU A 230 -16.93 3.41 11.80
C LEU A 230 -15.88 4.51 11.63
N LEU A 231 -15.75 5.09 10.43
CA LEU A 231 -14.85 6.23 10.27
C LEU A 231 -15.25 7.38 11.18
N LEU A 232 -16.55 7.66 11.29
CA LEU A 232 -17.00 8.73 12.18
C LEU A 232 -16.55 8.45 13.61
N ILE A 233 -16.69 7.21 14.07
CA ILE A 233 -16.29 6.85 15.42
C ILE A 233 -14.78 7.02 15.59
N ILE A 234 -13.99 6.55 14.62
CA ILE A 234 -12.55 6.71 14.71
C ILE A 234 -12.17 8.20 14.74
N LEU A 235 -12.80 9.00 13.88
CA LEU A 235 -12.52 10.43 13.86
C LEU A 235 -12.92 11.10 15.17
N LEU A 236 -14.04 10.68 15.76
CA LEU A 236 -14.49 11.30 17.01
C LEU A 236 -13.53 10.98 18.14
N ALA A 237 -13.08 9.72 18.24
CA ALA A 237 -12.09 9.35 19.26
C ALA A 237 -10.79 10.13 19.09
N GLU A 238 -10.40 10.37 17.83
CA GLU A 238 -9.14 11.06 17.57
C GLU A 238 -9.17 12.48 18.12
N VAL A 239 -10.20 13.25 17.79
CA VAL A 239 -10.28 14.61 18.28
C VAL A 239 -10.47 14.63 19.80
N THR A 240 -11.26 13.70 20.33
CA THR A 240 -11.43 13.61 21.78
C THR A 240 -10.09 13.43 22.47
N LEU A 241 -9.31 12.43 22.04
CA LEU A 241 -7.97 12.26 22.59
C LEU A 241 -7.14 13.52 22.44
N ALA A 242 -7.20 14.17 21.27
CA ALA A 242 -6.36 15.34 21.02
C ALA A 242 -6.64 16.46 22.02
N ILE A 243 -7.92 16.81 22.21
CA ILE A 243 -8.25 17.86 23.19
C ILE A 243 -8.04 17.33 24.61
N LEU A 244 -8.49 16.11 24.87
CA LEU A 244 -8.34 15.52 26.20
C LEU A 244 -6.87 15.44 26.57
N LEU A 245 -6.01 15.19 25.57
CA LEU A 245 -4.57 15.15 25.80
C LEU A 245 -4.04 16.48 26.32
N PHE A 246 -4.50 17.59 25.74
CA PHE A 246 -3.90 18.87 26.12
C PHE A 246 -4.60 19.55 27.28
N VAL A 247 -5.88 19.25 27.53
CA VAL A 247 -6.45 19.80 28.74
C VAL A 247 -5.85 19.10 29.96
N TYR A 248 -5.48 17.83 29.83
CA TYR A 248 -4.90 17.07 30.94
C TYR A 248 -3.48 16.57 30.66
N GLU A 249 -2.64 17.30 29.92
CA GLU A 249 -1.30 16.75 29.64
C GLU A 249 -0.56 16.47 30.93
N GLN A 250 -0.63 17.40 31.90
CA GLN A 250 0.10 17.30 33.16
C GLN A 250 -0.53 16.28 34.09
N LYS A 251 -1.85 16.10 34.02
CA LYS A 251 -2.48 15.08 34.84
C LYS A 251 -2.09 13.68 34.39
N LEU A 252 -1.95 13.47 33.08
CA LEU A 252 -1.50 12.15 32.61
C LEU A 252 0.01 12.06 32.46
N ASN A 253 0.72 13.20 32.54
CA ASN A 253 2.18 13.15 32.66
C ASN A 253 2.56 12.43 33.94
N GLU A 254 1.94 12.84 35.06
CA GLU A 254 2.16 12.16 36.33
C GLU A 254 1.80 10.69 36.23
N TYR A 255 0.64 10.42 35.62
CA TYR A 255 0.10 9.06 35.58
C TYR A 255 1.09 8.08 34.95
N VAL A 256 1.64 8.42 33.80
CA VAL A 256 2.61 7.51 33.19
C VAL A 256 3.92 7.51 33.97
N ALA A 257 4.25 8.64 34.62
CA ALA A 257 5.45 8.69 35.45
C ALA A 257 5.31 7.75 36.65
N LYS A 258 4.12 7.71 37.27
CA LYS A 258 3.87 6.69 38.28
C LYS A 258 4.01 5.30 37.71
N GLY A 259 3.46 5.08 36.52
CA GLY A 259 3.53 3.76 35.91
C GLY A 259 4.95 3.32 35.64
N LEU A 260 5.80 4.26 35.22
CA LEU A 260 7.21 3.92 34.98
C LEU A 260 7.93 3.66 36.31
N THR A 261 7.69 4.49 37.32
CA THR A 261 8.32 4.28 38.61
C THR A 261 7.86 2.96 39.23
N ASP A 262 6.58 2.60 39.07
CA ASP A 262 6.11 1.30 39.54
C ASP A 262 6.80 0.18 38.78
N SER A 263 6.97 0.35 37.47
CA SER A 263 7.60 -0.69 36.66
C SER A 263 9.06 -0.88 37.04
N ILE A 264 9.76 0.20 37.36
CA ILE A 264 11.19 0.11 37.63
C ILE A 264 11.48 -0.59 38.95
N HIS A 265 10.51 -0.66 39.88
CA HIS A 265 10.75 -1.43 41.10
C HIS A 265 10.86 -2.91 40.82
N ARG A 266 10.23 -3.37 39.74
CA ARG A 266 10.10 -4.79 39.40
C ARG A 266 11.24 -5.32 38.57
N TYR A 267 12.21 -4.47 38.20
CA TYR A 267 13.17 -4.89 37.19
C TYR A 267 14.00 -6.09 37.64
N HIS A 268 14.41 -6.16 38.90
CA HIS A 268 15.21 -7.30 39.30
C HIS A 268 14.38 -8.52 39.67
N SER A 269 13.05 -8.46 39.49
CA SER A 269 12.18 -9.58 39.82
C SER A 269 11.25 -10.00 38.70
N ASP A 270 11.05 -9.18 37.67
CA ASP A 270 10.16 -9.50 36.55
C ASP A 270 11.01 -9.50 35.28
N ASN A 271 11.14 -10.68 34.67
CA ASN A 271 11.97 -10.82 33.48
C ASN A 271 11.43 -9.99 32.31
N SER A 272 10.11 -9.79 32.23
CA SER A 272 9.54 -9.05 31.10
C SER A 272 9.83 -7.55 31.20
N THR A 273 9.63 -6.96 32.39
CA THR A 273 9.92 -5.54 32.54
C THR A 273 11.41 -5.27 32.39
N LYS A 274 12.26 -6.22 32.78
CA LYS A 274 13.69 -6.09 32.53
C LYS A 274 13.98 -6.00 31.05
N ALA A 275 13.36 -6.90 30.26
CA ALA A 275 13.56 -6.90 28.82
C ALA A 275 13.04 -5.60 28.21
N ALA A 276 11.95 -5.06 28.76
CA ALA A 276 11.42 -3.80 28.26
C ALA A 276 12.40 -2.67 28.49
N TRP A 277 12.88 -2.52 29.73
CA TRP A 277 13.83 -1.46 30.03
C TRP A 277 15.15 -1.63 29.28
N ASP A 278 15.64 -2.87 29.18
CA ASP A 278 16.92 -3.09 28.51
C ASP A 278 16.84 -2.74 27.03
N SER A 279 15.79 -3.18 26.36
CA SER A 279 15.65 -2.88 24.94
C SER A 279 15.42 -1.39 24.70
N ILE A 280 14.59 -0.75 25.52
CA ILE A 280 14.29 0.68 25.34
C ILE A 280 15.54 1.52 25.53
N GLN A 281 16.25 1.33 26.64
CA GLN A 281 17.42 2.14 26.92
C GLN A 281 18.50 1.95 25.87
N SER A 282 18.80 0.70 25.51
CA SER A 282 19.83 0.44 24.52
C SER A 282 19.43 0.96 23.14
N PHE A 283 18.14 1.06 22.86
CA PHE A 283 17.69 1.56 21.57
C PHE A 283 17.68 3.07 21.53
N LEU A 284 17.05 3.72 22.51
CA LEU A 284 16.99 5.18 22.54
C LEU A 284 18.24 5.80 23.13
N GLN A 285 19.17 4.99 23.62
CA GLN A 285 20.42 5.48 24.22
C GLN A 285 20.12 6.47 25.34
N CYS A 286 19.36 5.97 26.30
CA CYS A 286 18.89 6.70 27.46
C CYS A 286 18.99 5.75 28.65
N CYS A 287 18.62 6.23 29.84
CA CYS A 287 18.86 5.35 30.98
C CYS A 287 17.65 5.22 31.90
N GLY A 288 17.35 6.22 32.72
CA GLY A 288 16.22 6.14 33.61
C GLY A 288 15.02 6.90 33.10
N ILE A 289 14.14 7.23 34.04
CA ILE A 289 12.97 8.06 33.72
C ILE A 289 13.43 9.47 33.40
N ALA A 290 14.26 10.05 34.28
CA ALA A 290 14.84 11.37 34.09
C ALA A 290 16.35 11.34 34.13
N GLY A 291 16.96 10.17 34.25
CA GLY A 291 18.40 10.08 34.28
C GLY A 291 18.85 8.78 34.92
N THR A 292 20.18 8.65 35.05
CA THR A 292 20.76 7.44 35.60
C THR A 292 20.59 7.33 37.11
N SER A 293 20.16 8.40 37.78
CA SER A 293 19.96 8.37 39.23
C SER A 293 18.69 7.63 39.62
N ASP A 294 17.81 7.32 38.67
CA ASP A 294 16.61 6.56 38.98
C ASP A 294 16.97 5.17 39.46
N TRP A 295 18.08 4.62 38.96
CA TRP A 295 18.61 3.33 39.39
C TRP A 295 19.46 3.58 40.62
N THR A 296 18.88 3.43 41.81
CA THR A 296 19.60 3.80 43.03
C THR A 296 20.79 2.90 43.30
N SER A 297 20.81 1.68 42.79
CA SER A 297 21.93 0.76 43.00
C SER A 297 22.92 0.77 41.83
N GLY A 298 22.73 1.65 40.86
CA GLY A 298 23.58 1.67 39.70
C GLY A 298 22.79 1.32 38.47
N PRO A 299 23.02 2.03 37.37
CA PRO A 299 22.27 1.77 36.15
C PRO A 299 22.60 0.39 35.60
N PRO A 300 21.66 -0.29 34.96
CA PRO A 300 21.96 -1.58 34.37
C PRO A 300 22.93 -1.44 33.20
N ALA A 301 23.43 -2.59 32.74
CA ALA A 301 24.42 -2.59 31.67
C ALA A 301 23.87 -1.94 30.41
N SER A 302 22.60 -2.19 30.08
CA SER A 302 21.99 -1.61 28.89
C SER A 302 21.60 -0.15 29.12
N CYS A 303 22.59 0.65 29.46
CA CYS A 303 22.48 2.11 29.61
C CYS A 303 23.76 2.67 29.02
N PRO A 304 23.67 3.77 28.27
CA PRO A 304 24.87 4.45 27.82
C PRO A 304 25.71 4.87 29.02
N SER A 305 26.99 4.54 28.97
CA SER A 305 27.90 4.89 30.05
C SER A 305 28.37 6.32 29.93
N ASP A 306 27.79 7.11 29.03
CA ASP A 306 28.21 8.48 28.84
C ASP A 306 27.81 9.31 30.06
N ARG A 307 28.47 10.47 30.19
CA ARG A 307 28.38 11.30 31.39
C ARG A 307 26.98 11.65 31.88
N LYS A 308 26.18 12.39 31.10
CA LYS A 308 24.83 12.76 31.54
C LYS A 308 23.97 12.24 30.39
N VAL A 309 23.79 10.92 30.34
CA VAL A 309 22.87 10.35 29.38
C VAL A 309 21.48 10.83 29.73
N GLU A 310 20.70 11.16 28.71
CA GLU A 310 19.40 11.74 28.99
C GLU A 310 18.46 10.65 29.49
N GLY A 311 17.44 11.05 30.25
CA GLY A 311 16.45 10.08 30.70
C GLY A 311 15.56 9.62 29.56
N CYS A 312 15.16 8.36 29.63
CA CYS A 312 14.31 7.80 28.57
C CYS A 312 13.00 8.55 28.46
N TYR A 313 12.33 8.77 29.59
CA TYR A 313 11.07 9.49 29.57
C TYR A 313 11.27 10.95 29.19
N ALA A 314 12.33 11.59 29.72
CA ALA A 314 12.60 12.97 29.34
C ALA A 314 12.90 13.09 27.85
N LYS A 315 13.72 12.17 27.32
CA LYS A 315 14.06 12.20 25.90
C LYS A 315 12.81 12.05 25.03
N ALA A 316 11.90 11.15 25.42
CA ALA A 316 10.68 10.94 24.65
C ALA A 316 9.78 12.16 24.66
N ARG A 317 9.54 12.75 25.84
CA ARG A 317 8.68 13.92 25.91
C ARG A 317 9.29 15.10 25.17
N LEU A 318 10.61 15.27 25.26
CA LEU A 318 11.27 16.31 24.48
C LEU A 318 11.10 16.06 22.99
N TRP A 319 11.21 14.79 22.58
CA TRP A 319 11.05 14.45 21.17
C TRP A 319 9.67 14.84 20.65
N PHE A 320 8.62 14.51 21.39
CA PHE A 320 7.27 14.85 20.95
C PHE A 320 7.02 16.36 21.05
N HIS A 321 7.54 17.02 22.08
CA HIS A 321 7.39 18.47 22.10
C HIS A 321 8.19 19.11 20.96
N SER A 322 9.37 18.60 20.65
CA SER A 322 10.19 19.18 19.58
C SER A 322 9.59 18.94 18.21
N ASN A 323 8.84 17.86 18.02
CA ASN A 323 8.28 17.52 16.72
C ASN A 323 6.76 17.66 16.70
N PHE A 324 6.19 18.46 17.60
CA PHE A 324 4.74 18.58 17.65
C PHE A 324 4.19 19.09 16.33
N LEU A 325 4.90 20.01 15.68
CA LEU A 325 4.44 20.54 14.41
C LEU A 325 4.36 19.44 13.35
N TYR A 326 5.37 18.54 13.29
CA TYR A 326 5.31 17.47 12.31
C TYR A 326 4.12 16.54 12.54
N ILE A 327 3.99 16.01 13.76
CA ILE A 327 2.91 15.06 14.01
C ILE A 327 1.56 15.75 13.86
N GLY A 328 1.50 17.06 14.11
CA GLY A 328 0.27 17.79 13.84
C GLY A 328 -0.11 17.76 12.38
N ILE A 329 0.87 17.92 11.48
CA ILE A 329 0.61 17.84 10.06
C ILE A 329 0.13 16.44 9.69
N ILE A 330 0.84 15.42 10.17
CA ILE A 330 0.46 14.03 9.92
C ILE A 330 -0.92 13.74 10.51
N THR A 331 -1.26 14.37 11.64
CA THR A 331 -2.57 14.15 12.24
C THR A 331 -3.68 14.68 11.35
N ILE A 332 -3.57 15.95 10.91
CA ILE A 332 -4.62 16.49 10.04
C ILE A 332 -4.62 15.83 8.68
N CYS A 333 -3.48 15.27 8.23
CA CYS A 333 -3.48 14.55 6.95
C CYS A 333 -4.33 13.30 7.04
N VAL A 334 -4.10 12.47 8.07
CA VAL A 334 -4.93 11.27 8.19
C VAL A 334 -6.38 11.67 8.44
N CYS A 335 -6.60 12.82 9.09
CA CYS A 335 -7.97 13.27 9.33
C CYS A 335 -8.67 13.66 8.03
N VAL A 336 -7.99 14.42 7.16
CA VAL A 336 -8.66 14.84 5.93
C VAL A 336 -8.88 13.65 5.00
N ILE A 337 -7.94 12.70 4.96
CA ILE A 337 -8.17 11.46 4.21
C ILE A 337 -9.41 10.76 4.75
N GLU A 338 -9.49 10.73 6.06
CA GLU A 338 -10.59 10.11 6.79
C GLU A 338 -11.93 10.77 6.48
N VAL A 339 -12.01 12.09 6.66
CA VAL A 339 -13.26 12.80 6.36
C VAL A 339 -13.56 12.82 4.86
N LEU A 340 -12.54 12.84 3.99
CA LEU A 340 -12.83 12.70 2.55
C LEU A 340 -13.54 11.39 2.27
N GLY A 341 -13.05 10.29 2.86
CA GLY A 341 -13.74 9.02 2.69
C GLY A 341 -15.16 9.07 3.21
N MET A 342 -15.37 9.78 4.32
CA MET A 342 -16.72 9.96 4.84
C MET A 342 -17.61 10.71 3.85
N SER A 343 -17.09 11.82 3.32
CA SER A 343 -17.86 12.58 2.34
C SER A 343 -18.11 11.75 1.08
N PHE A 344 -17.09 11.07 0.57
CA PHE A 344 -17.28 10.17 -0.58
C PHE A 344 -18.38 9.17 -0.33
N ALA A 345 -18.28 8.43 0.77
CA ALA A 345 -19.23 7.36 1.06
C ALA A 345 -20.63 7.90 1.24
N LEU A 346 -20.76 8.99 1.97
CA LEU A 346 -22.08 9.57 2.20
C LEU A 346 -22.67 10.07 0.88
N THR A 347 -21.84 10.68 0.03
CA THR A 347 -22.30 11.12 -1.28
C THR A 347 -22.72 9.95 -2.14
N LEU A 348 -21.84 8.93 -2.26
CA LEU A 348 -22.15 7.76 -3.07
C LEU A 348 -23.41 7.07 -2.57
N ASN A 349 -23.59 7.01 -1.25
CA ASN A 349 -24.79 6.40 -0.68
C ASN A 349 -26.05 7.10 -1.17
N SER A 350 -26.03 8.43 -1.24
CA SER A 350 -27.25 9.15 -1.61
C SER A 350 -27.64 8.91 -3.07
N GLN A 351 -26.66 8.73 -3.95
CA GLN A 351 -26.91 8.45 -5.37
C GLN A 351 -27.05 6.96 -5.68
N ILE A 352 -27.75 6.25 -4.81
CA ILE A 352 -28.11 4.85 -5.03
C ILE A 352 -29.63 4.76 -4.97
N ASP A 353 -30.18 3.64 -5.45
CA ASP A 353 -31.62 3.36 -5.54
C ASP A 353 -32.45 4.59 -5.94
N LYS A 354 -32.19 5.07 -7.16
CA LYS A 354 -32.94 6.19 -7.71
C LYS A 354 -34.02 5.71 -8.68
N THR A 355 -34.75 6.67 -9.24
CA THR A 355 -36.05 6.40 -9.88
C THR A 355 -35.92 5.56 -11.16
N SER A 356 -35.16 6.03 -12.15
CA SER A 356 -35.08 5.35 -13.44
C SER A 356 -33.94 5.90 -14.29
N ASN A 363 -35.63 5.56 -20.26
CA ASN A 363 -34.52 5.35 -21.18
C ASN A 363 -34.95 4.65 -22.45
N SER A 364 -34.15 4.85 -23.50
CA SER A 364 -34.48 4.43 -24.85
C SER A 364 -33.41 3.50 -25.41
N HIS A 365 -33.84 2.58 -26.27
CA HIS A 365 -32.96 1.67 -26.98
C HIS A 365 -33.27 1.76 -28.46
N ASN A 366 -32.24 1.72 -29.29
CA ASN A 366 -32.43 1.81 -30.74
C ASN A 366 -32.04 0.49 -31.39
N VAL A 367 -32.98 -0.08 -32.14
CA VAL A 367 -32.79 -1.31 -32.89
C VAL A 367 -32.51 -0.90 -34.33
N TYR A 368 -31.26 -1.05 -34.77
CA TYR A 368 -30.90 -0.59 -36.11
C TYR A 368 -31.30 -1.63 -37.15
N ILE A 369 -32.19 -1.24 -38.06
CA ILE A 369 -32.74 -2.12 -39.08
C ILE A 369 -31.97 -1.92 -40.36
N THR A 370 -31.56 -3.01 -41.00
CA THR A 370 -30.91 -2.99 -42.30
C THR A 370 -31.53 -4.08 -43.17
N ALA A 371 -31.71 -3.78 -44.46
CA ALA A 371 -32.31 -4.74 -45.39
C ALA A 371 -31.31 -5.81 -45.81
N ASP A 372 -31.85 -7.01 -46.09
CA ASP A 372 -31.15 -8.20 -46.61
C ASP A 372 -31.75 -8.63 -47.95
N LYS A 373 -31.13 -8.31 -49.07
CA LYS A 373 -31.71 -8.45 -50.39
C LYS A 373 -31.97 -9.94 -50.64
N GLN A 374 -31.04 -10.81 -50.16
CA GLN A 374 -31.00 -12.19 -50.65
C GLN A 374 -32.04 -13.07 -49.99
N LYS A 375 -32.31 -12.85 -48.71
CA LYS A 375 -33.33 -13.62 -48.03
C LYS A 375 -34.66 -12.89 -48.01
N ASN A 376 -34.77 -11.77 -48.73
CA ASN A 376 -36.03 -11.04 -48.86
C ASN A 376 -36.52 -10.55 -47.50
N GLY A 377 -35.58 -10.28 -46.59
CA GLY A 377 -35.94 -9.86 -45.25
C GLY A 377 -35.06 -8.75 -44.70
N ILE A 378 -34.99 -8.65 -43.37
CA ILE A 378 -34.21 -7.61 -42.72
C ILE A 378 -33.30 -8.22 -41.66
N LYS A 379 -32.28 -7.44 -41.30
CA LYS A 379 -31.35 -7.77 -40.24
C LYS A 379 -31.32 -6.62 -39.24
N ALA A 380 -30.87 -6.93 -38.02
CA ALA A 380 -30.79 -5.92 -36.97
C ALA A 380 -29.76 -6.35 -35.96
N ASN A 381 -29.16 -5.36 -35.30
CA ASN A 381 -28.19 -5.63 -34.25
C ASN A 381 -28.25 -4.49 -33.24
N PHE A 382 -28.12 -4.83 -31.95
CA PHE A 382 -28.19 -3.81 -30.91
C PHE A 382 -27.69 -4.38 -29.60
N LYS A 383 -27.23 -3.48 -28.74
CA LYS A 383 -26.71 -3.77 -27.41
C LYS A 383 -27.68 -3.26 -26.36
N ILE A 384 -27.90 -4.06 -25.31
CA ILE A 384 -28.75 -3.65 -24.20
C ILE A 384 -27.95 -3.75 -22.91
N ARG A 385 -27.97 -2.66 -22.13
CA ARG A 385 -27.25 -2.59 -20.87
C ARG A 385 -28.24 -2.96 -19.78
N HIS A 386 -28.18 -4.22 -19.33
CA HIS A 386 -28.97 -4.64 -18.19
C HIS A 386 -28.29 -4.18 -16.92
N ASN A 387 -29.06 -3.61 -16.01
CA ASN A 387 -28.50 -3.01 -14.79
C ASN A 387 -28.32 -4.09 -13.74
N VAL A 388 -27.10 -4.24 -13.26
CA VAL A 388 -26.77 -5.25 -12.26
C VAL A 388 -27.00 -4.67 -10.87
N GLU A 389 -27.21 -5.58 -9.92
CA GLU A 389 -27.47 -5.28 -8.53
C GLU A 389 -26.30 -4.54 -7.86
N ASP A 390 -25.07 -4.76 -8.33
CA ASP A 390 -23.89 -4.10 -7.81
C ASP A 390 -23.58 -2.80 -8.55
N GLY A 391 -24.52 -2.28 -9.32
CA GLY A 391 -24.33 -1.04 -10.04
C GLY A 391 -23.73 -1.17 -11.42
N SER A 392 -22.99 -2.24 -11.69
CA SER A 392 -22.41 -2.44 -13.00
C SER A 392 -23.50 -2.81 -14.01
N VAL A 393 -23.11 -2.90 -15.28
CA VAL A 393 -24.06 -3.25 -16.33
C VAL A 393 -23.66 -4.55 -17.00
N GLN A 394 -24.66 -5.30 -17.45
CA GLN A 394 -24.48 -6.56 -18.17
C GLN A 394 -24.85 -6.36 -19.63
N LEU A 395 -23.86 -6.49 -20.52
CA LEU A 395 -24.11 -6.35 -21.95
C LEU A 395 -24.79 -7.56 -22.53
N ALA A 396 -25.86 -7.31 -23.28
CA ALA A 396 -26.56 -8.33 -24.05
C ALA A 396 -26.47 -7.93 -25.51
N ASP A 397 -25.65 -8.66 -26.28
CA ASP A 397 -25.41 -8.36 -27.69
C ASP A 397 -26.43 -9.12 -28.54
N HIS A 398 -27.20 -8.38 -29.33
CA HIS A 398 -28.32 -8.93 -30.10
C HIS A 398 -28.02 -8.88 -31.59
N TYR A 399 -28.17 -10.03 -32.28
CA TYR A 399 -28.14 -10.05 -33.74
C TYR A 399 -29.42 -10.74 -34.23
N GLN A 400 -30.04 -10.18 -35.27
CA GLN A 400 -31.38 -10.58 -35.67
C GLN A 400 -31.52 -10.83 -37.17
N GLN A 401 -32.43 -11.74 -37.55
CA GLN A 401 -32.79 -11.93 -38.96
C GLN A 401 -34.26 -12.26 -39.00
N ASN A 402 -34.95 -11.59 -39.91
CA ASN A 402 -36.38 -11.73 -40.13
C ASN A 402 -36.58 -12.08 -41.60
N THR A 403 -37.34 -13.14 -41.84
CA THR A 403 -37.67 -13.61 -43.18
C THR A 403 -39.17 -13.77 -43.25
N PRO A 404 -39.80 -13.38 -44.36
CA PRO A 404 -41.26 -13.53 -44.46
C PRO A 404 -41.66 -14.98 -44.65
N ILE A 405 -42.74 -15.38 -43.98
CA ILE A 405 -43.22 -16.75 -44.11
C ILE A 405 -43.95 -16.94 -45.43
N GLY A 406 -44.73 -15.95 -45.85
CA GLY A 406 -45.52 -16.06 -47.06
C GLY A 406 -44.77 -15.59 -48.29
N ASP A 407 -45.34 -15.89 -49.45
CA ASP A 407 -44.74 -15.53 -50.72
C ASP A 407 -45.18 -14.14 -51.18
N GLY A 408 -45.97 -13.44 -50.39
CA GLY A 408 -46.46 -12.15 -50.79
C GLY A 408 -45.37 -11.11 -50.80
N PRO A 409 -45.55 -10.05 -51.59
CA PRO A 409 -44.54 -9.00 -51.69
C PRO A 409 -44.37 -8.28 -50.37
N VAL A 410 -43.13 -8.27 -49.86
CA VAL A 410 -42.79 -7.55 -48.65
C VAL A 410 -41.94 -6.34 -49.03
N LEU A 411 -41.84 -5.40 -48.10
CA LEU A 411 -41.13 -4.14 -48.33
C LEU A 411 -39.71 -4.24 -47.77
N LEU A 412 -38.70 -4.04 -48.61
CA LEU A 412 -37.32 -4.00 -48.13
C LEU A 412 -36.89 -2.55 -47.92
N PRO A 413 -36.51 -2.16 -46.69
CA PRO A 413 -36.38 -0.73 -46.37
C PRO A 413 -34.98 -0.17 -46.44
N ASP A 414 -34.88 1.16 -46.56
CA ASP A 414 -33.62 1.86 -46.36
C ASP A 414 -33.26 1.78 -44.87
N ASN A 415 -31.97 1.92 -44.57
CA ASN A 415 -31.54 1.79 -43.17
C ASN A 415 -32.32 2.74 -42.27
N HIS A 416 -32.80 2.22 -41.15
CA HIS A 416 -33.57 2.99 -40.19
C HIS A 416 -33.52 2.25 -38.85
N TYR A 417 -34.20 2.79 -37.85
CA TYR A 417 -34.00 2.26 -36.51
C TYR A 417 -35.32 2.41 -35.74
N LEU A 418 -35.44 1.69 -34.63
CA LEU A 418 -36.66 1.70 -33.84
C LEU A 418 -36.30 2.11 -32.41
N SER A 419 -36.84 3.24 -31.96
CA SER A 419 -36.56 3.76 -30.63
C SER A 419 -37.57 3.13 -29.67
N THR A 420 -37.12 2.11 -28.93
CA THR A 420 -37.97 1.32 -28.04
C THR A 420 -37.86 1.83 -26.61
N GLN A 421 -38.99 1.90 -25.92
CA GLN A 421 -39.06 2.26 -24.50
C GLN A 421 -39.95 1.25 -23.79
N SER A 422 -39.39 0.55 -22.81
CA SER A 422 -40.11 -0.53 -22.12
C SER A 422 -40.19 -0.21 -20.64
N VAL A 423 -41.36 -0.48 -20.05
CA VAL A 423 -41.60 -0.23 -18.64
C VAL A 423 -42.08 -1.52 -18.00
N LEU A 424 -41.31 -2.04 -17.04
CA LEU A 424 -41.62 -3.29 -16.37
C LEU A 424 -42.40 -3.00 -15.10
N SER A 425 -43.42 -3.82 -14.85
CA SER A 425 -44.33 -3.61 -13.75
C SER A 425 -44.61 -4.96 -13.09
N LYS A 426 -45.36 -4.93 -11.98
CA LYS A 426 -45.76 -6.14 -11.31
C LYS A 426 -47.21 -5.97 -10.89
N ASP A 427 -48.02 -6.96 -11.22
CA ASP A 427 -49.42 -7.03 -10.81
C ASP A 427 -49.50 -7.33 -9.32
N PRO A 428 -49.98 -6.41 -8.49
CA PRO A 428 -49.96 -6.67 -7.04
C PRO A 428 -50.79 -7.88 -6.65
N ASN A 429 -51.72 -8.33 -7.51
CA ASN A 429 -52.53 -9.50 -7.21
C ASN A 429 -51.86 -10.80 -7.62
N GLU A 430 -51.08 -10.82 -8.70
CA GLU A 430 -50.49 -12.07 -9.15
C GLU A 430 -49.57 -12.66 -8.09
N LYS A 431 -49.88 -13.87 -7.67
CA LYS A 431 -49.01 -14.58 -6.75
C LYS A 431 -47.99 -15.44 -7.51
N ARG A 432 -48.25 -15.72 -8.79
CA ARG A 432 -47.32 -16.40 -9.67
C ARG A 432 -46.22 -15.44 -10.14
N ASP A 433 -45.11 -16.03 -10.59
CA ASP A 433 -44.03 -15.22 -11.13
C ASP A 433 -44.46 -14.65 -12.48
N HIS A 434 -44.25 -13.35 -12.68
CA HIS A 434 -44.86 -12.70 -13.83
C HIS A 434 -44.13 -11.40 -14.16
N MET A 435 -44.54 -10.79 -15.27
CA MET A 435 -44.00 -9.51 -15.72
C MET A 435 -45.07 -8.74 -16.49
N VAL A 436 -45.43 -7.56 -16.00
CA VAL A 436 -46.32 -6.65 -16.69
C VAL A 436 -45.47 -5.63 -17.43
N LEU A 437 -45.62 -5.57 -18.75
CA LEU A 437 -44.76 -4.77 -19.61
C LEU A 437 -45.57 -3.77 -20.44
N LEU A 438 -45.12 -2.53 -20.46
CA LEU A 438 -45.61 -1.49 -21.37
C LEU A 438 -44.47 -1.00 -22.25
N GLU A 439 -44.69 -1.00 -23.56
CA GLU A 439 -43.68 -0.59 -24.53
C GLU A 439 -44.20 0.48 -25.45
N PHE A 440 -43.28 1.34 -25.91
CA PHE A 440 -43.62 2.36 -26.88
C PHE A 440 -42.51 2.33 -27.92
N VAL A 441 -42.86 1.96 -29.15
CA VAL A 441 -41.90 1.82 -30.22
C VAL A 441 -42.29 2.78 -31.33
N THR A 442 -41.34 3.59 -31.79
CA THR A 442 -41.57 4.53 -32.87
C THR A 442 -40.41 4.43 -33.85
N ALA A 443 -40.73 4.34 -35.14
CA ALA A 443 -39.68 4.26 -36.14
C ALA A 443 -39.10 5.64 -36.42
N ALA A 444 -37.81 5.66 -36.73
CA ALA A 444 -37.12 6.90 -37.06
C ALA A 444 -35.83 6.55 -37.79
N GLY A 445 -35.11 7.59 -38.20
CA GLY A 445 -33.87 7.45 -38.94
C GLY A 445 -33.92 7.97 -40.37
N ILE A 446 -35.11 8.28 -40.89
CA ILE A 446 -35.25 8.85 -42.23
C ILE A 446 -36.07 10.13 -42.12
N THR A 447 -35.45 11.26 -42.42
CA THR A 447 -36.11 12.56 -42.32
C THR A 447 -36.67 12.95 -43.69
N HIS A 448 -37.87 13.53 -43.69
CA HIS A 448 -38.53 13.92 -44.94
C HIS A 448 -38.54 15.43 -45.09
N HIS A 449 -38.92 15.87 -46.30
CA HIS A 449 -39.06 17.28 -46.65
C HIS A 449 -37.76 18.06 -46.47
N HIS A 450 -37.85 19.38 -46.51
CA HIS A 450 -36.71 20.27 -46.30
C HIS A 450 -36.82 20.88 -44.90
N HIS A 451 -35.82 20.61 -44.06
CA HIS A 451 -35.82 21.11 -42.69
C HIS A 451 -34.59 21.97 -42.41
N MET B 1 48.59 -0.24 48.90
CA MET B 1 47.64 -1.35 48.94
C MET B 1 48.20 -2.54 48.16
N SER B 2 49.30 -2.32 47.47
CA SER B 2 49.95 -3.36 46.67
C SER B 2 51.36 -2.93 46.30
N LYS B 3 52.23 -3.93 46.17
CA LYS B 3 53.57 -3.67 45.65
C LYS B 3 53.57 -3.56 44.14
N GLY B 4 52.54 -4.06 43.48
CA GLY B 4 52.47 -3.96 42.03
C GLY B 4 52.20 -2.56 41.54
N GLU B 5 51.38 -1.79 42.27
CA GLU B 5 51.08 -0.43 41.85
C GLU B 5 52.28 0.52 41.91
N GLU B 6 53.26 0.25 42.77
CA GLU B 6 54.43 1.12 42.75
C GLU B 6 55.24 0.98 41.44
N LEU B 7 55.03 -0.10 40.66
CA LEU B 7 55.65 -0.19 39.34
C LEU B 7 54.99 0.71 38.29
N PHE B 8 53.77 1.18 38.54
CA PHE B 8 53.01 1.93 37.54
C PHE B 8 52.91 3.42 37.85
N THR B 9 53.76 3.95 38.74
CA THR B 9 53.70 5.36 39.07
C THR B 9 54.20 6.24 37.93
N GLY B 10 55.09 5.71 37.08
CA GLY B 10 55.62 6.45 35.96
C GLY B 10 54.97 6.05 34.64
N VAL B 11 55.61 6.46 33.55
CA VAL B 11 55.18 6.05 32.21
C VAL B 11 56.01 4.83 31.82
N VAL B 12 55.32 3.75 31.47
CA VAL B 12 55.95 2.45 31.24
C VAL B 12 55.82 2.12 29.76
N PRO B 13 56.91 1.73 29.09
CA PRO B 13 56.79 1.30 27.69
C PRO B 13 55.92 0.06 27.60
N ILE B 14 55.19 -0.06 26.50
CA ILE B 14 54.27 -1.17 26.29
C ILE B 14 54.66 -1.90 25.02
N LEU B 15 54.57 -3.23 25.05
CA LEU B 15 54.73 -4.07 23.87
C LEU B 15 53.52 -4.99 23.78
N VAL B 16 52.88 -5.01 22.61
CA VAL B 16 51.73 -5.88 22.37
C VAL B 16 52.05 -6.74 21.17
N GLU B 17 51.79 -8.04 21.28
CA GLU B 17 51.95 -8.95 20.16
C GLU B 17 50.73 -9.88 20.09
N LEU B 18 50.08 -9.90 18.93
CA LEU B 18 48.91 -10.72 18.69
C LEU B 18 49.12 -11.51 17.40
N ASP B 19 49.18 -12.83 17.53
CA ASP B 19 49.17 -13.73 16.39
C ASP B 19 47.81 -14.39 16.39
N GLY B 20 47.05 -14.20 15.31
CA GLY B 20 45.67 -14.62 15.27
C GLY B 20 45.34 -15.52 14.10
N ASP B 21 44.16 -16.13 14.21
CA ASP B 21 43.58 -16.99 13.17
C ASP B 21 42.07 -16.86 13.24
N VAL B 22 41.48 -16.36 12.15
CA VAL B 22 40.04 -16.19 12.02
C VAL B 22 39.58 -16.93 10.78
N ASN B 23 38.86 -18.05 10.98
CA ASN B 23 38.35 -18.88 9.88
C ASN B 23 39.46 -19.31 8.93
N GLY B 24 40.64 -19.59 9.47
CA GLY B 24 41.77 -19.97 8.65
C GLY B 24 42.58 -18.82 8.12
N HIS B 25 42.10 -17.59 8.28
CA HIS B 25 42.85 -16.39 7.93
C HIS B 25 43.74 -16.02 9.11
N LYS B 26 45.05 -16.15 8.93
CA LYS B 26 46.05 -15.90 9.95
C LYS B 26 46.79 -14.60 9.70
N PHE B 27 47.10 -13.92 10.79
CA PHE B 27 47.70 -12.60 10.74
C PHE B 27 48.46 -12.39 12.04
N SER B 28 49.33 -11.38 12.02
CA SER B 28 50.05 -10.98 13.21
C SER B 28 49.95 -9.46 13.37
N VAL B 29 49.83 -9.03 14.62
CA VAL B 29 49.77 -7.61 14.96
C VAL B 29 50.83 -7.33 15.99
N ARG B 30 51.57 -6.24 15.79
CA ARG B 30 52.60 -5.76 16.71
C ARG B 30 52.29 -4.32 17.09
N GLY B 31 52.20 -4.06 18.38
CA GLY B 31 51.90 -2.72 18.86
C GLY B 31 52.91 -2.23 19.86
N GLU B 32 53.24 -0.94 19.76
CA GLU B 32 54.19 -0.30 20.66
C GLU B 32 53.58 0.99 21.19
N GLY B 33 54.07 1.43 22.34
CA GLY B 33 53.61 2.67 22.92
C GLY B 33 53.92 2.68 24.41
N GLU B 34 53.29 3.59 25.13
CA GLU B 34 53.56 3.63 26.57
C GLU B 34 52.31 4.03 27.32
N GLY B 35 52.30 3.63 28.59
CA GLY B 35 51.18 3.81 29.48
C GLY B 35 51.41 4.59 30.75
N ASP B 36 50.58 5.60 30.95
CA ASP B 36 50.65 6.48 32.11
C ASP B 36 49.50 6.03 33.02
N ALA B 37 49.82 5.19 34.00
CA ALA B 37 48.79 4.65 34.86
C ALA B 37 48.29 5.66 35.89
N THR B 38 49.08 6.69 36.22
CA THR B 38 48.59 7.69 37.15
C THR B 38 47.45 8.48 36.54
N ASN B 39 47.54 8.76 35.23
CA ASN B 39 46.51 9.47 34.51
C ASN B 39 45.62 8.53 33.72
N GLY B 40 45.86 7.23 33.78
CA GLY B 40 45.06 6.27 33.05
C GLY B 40 45.03 6.50 31.56
N LYS B 41 46.18 6.83 30.96
CA LYS B 41 46.25 7.11 29.54
C LYS B 41 47.12 6.09 28.82
N LEU B 42 46.67 5.72 27.62
CA LEU B 42 47.36 4.80 26.74
C LEU B 42 47.51 5.46 25.37
N THR B 43 48.70 5.36 24.80
CA THR B 43 48.96 5.81 23.43
C THR B 43 49.72 4.68 22.76
N LEU B 44 49.10 4.06 21.76
CA LEU B 44 49.67 2.87 21.16
C LEU B 44 49.54 2.97 19.64
N LYS B 45 50.42 2.25 18.95
CA LYS B 45 50.43 2.22 17.49
C LYS B 45 50.58 0.77 17.07
N PHE B 46 49.50 0.15 16.60
CA PHE B 46 49.59 -1.25 16.22
C PHE B 46 49.78 -1.37 14.72
N ILE B 47 50.51 -2.39 14.30
CA ILE B 47 50.81 -2.63 12.90
C ILE B 47 50.52 -4.08 12.57
N CYS B 48 49.88 -4.31 11.43
CA CYS B 48 49.67 -5.68 10.96
C CYS B 48 50.93 -6.07 10.18
N THR B 49 51.80 -6.82 10.84
CA THR B 49 53.07 -7.22 10.24
C THR B 49 52.91 -8.25 9.13
N THR B 50 51.73 -8.85 8.99
CA THR B 50 51.46 -9.89 8.00
C THR B 50 50.78 -9.37 6.74
N GLY B 51 50.79 -8.06 6.53
CA GLY B 51 50.18 -7.48 5.35
C GLY B 51 48.98 -6.61 5.64
N LYS B 52 47.79 -7.04 5.22
CA LYS B 52 46.55 -6.34 5.51
C LYS B 52 45.72 -7.18 6.47
N LEU B 53 45.10 -6.52 7.43
CA LEU B 53 44.36 -7.21 8.47
C LEU B 53 43.05 -7.79 7.91
N PRO B 54 42.81 -9.09 8.03
CA PRO B 54 41.56 -9.66 7.50
C PRO B 54 40.30 -9.29 8.29
N VAL B 55 40.42 -8.53 9.37
CA VAL B 55 39.28 -8.13 10.18
C VAL B 55 39.35 -6.63 10.39
N PRO B 56 38.23 -6.02 10.80
CA PRO B 56 38.26 -4.58 11.12
C PRO B 56 39.06 -4.35 12.39
N TRP B 57 39.95 -3.35 12.33
CA TRP B 57 40.72 -2.99 13.52
C TRP B 57 39.89 -2.82 14.79
N PRO B 58 38.70 -2.19 14.77
CA PRO B 58 37.95 -2.05 16.04
C PRO B 58 37.66 -3.39 16.72
N THR B 59 37.51 -4.47 15.97
CA THR B 59 37.25 -5.76 16.59
C THR B 59 38.40 -6.27 17.43
N LEU B 60 39.60 -5.73 17.24
CA LEU B 60 40.76 -6.19 18.00
C LEU B 60 41.10 -5.32 19.21
N VAL B 61 40.54 -4.12 19.34
CA VAL B 61 41.04 -3.21 20.36
C VAL B 61 40.82 -3.75 21.76
N THR B 62 39.80 -4.59 21.95
CA THR B 62 39.61 -5.16 23.28
C THR B 62 40.63 -6.24 23.56
N THR B 63 40.89 -7.13 22.61
CA THR B 63 41.87 -8.19 22.85
C THR B 63 43.28 -7.62 22.90
N LEU B 64 43.54 -6.56 22.14
CA LEU B 64 44.84 -5.90 22.14
C LEU B 64 45.08 -5.19 23.49
N VAL B 66 45.17 -4.23 28.24
CA VAL B 66 46.07 -4.13 29.38
C VAL B 66 45.46 -3.25 30.49
N GLN B 67 44.49 -3.83 31.24
CA GLN B 67 43.80 -3.01 32.25
C GLN B 67 44.68 -2.65 33.44
N CYS B 68 45.97 -2.99 33.49
CA CYS B 68 46.80 -2.59 34.62
C CYS B 68 47.22 -1.13 34.55
N PHE B 69 47.01 -0.45 33.42
CA PHE B 69 47.25 0.98 33.32
C PHE B 69 46.00 1.79 33.64
N SER B 70 44.93 1.13 34.09
CA SER B 70 43.74 1.84 34.52
C SER B 70 44.07 2.70 35.73
N ARG B 71 43.47 3.88 35.79
CA ARG B 71 43.63 4.79 36.92
C ARG B 71 42.60 4.43 37.98
N TYR B 72 43.04 3.77 39.07
CA TYR B 72 42.14 3.62 40.19
C TYR B 72 42.27 4.82 41.11
N PRO B 73 41.21 5.58 41.35
CA PRO B 73 41.31 6.70 42.29
C PRO B 73 41.70 6.19 43.68
N ASP B 74 42.15 7.13 44.51
CA ASP B 74 42.83 6.72 45.75
C ASP B 74 41.96 5.85 46.64
N HIS B 75 40.65 6.07 46.68
CA HIS B 75 39.83 5.28 47.59
C HIS B 75 39.60 3.84 47.09
N MET B 76 39.86 3.55 45.81
CA MET B 76 39.67 2.21 45.26
C MET B 76 40.97 1.47 44.93
N LYS B 77 42.12 2.03 45.30
CA LYS B 77 43.39 1.41 44.90
C LYS B 77 43.52 -0.02 45.42
N ARG B 78 42.88 -0.38 46.53
CA ARG B 78 42.99 -1.75 47.01
C ARG B 78 42.06 -2.72 46.27
N HIS B 79 41.48 -2.28 45.15
CA HIS B 79 40.64 -3.14 44.32
C HIS B 79 41.28 -3.40 42.96
N ASP B 80 42.51 -2.93 42.74
CA ASP B 80 43.21 -3.10 41.48
C ASP B 80 43.90 -4.45 41.48
N PHE B 81 43.17 -5.46 41.02
CA PHE B 81 43.74 -6.79 40.86
C PHE B 81 44.88 -6.79 39.85
N PHE B 82 44.74 -6.02 38.78
CA PHE B 82 45.68 -6.06 37.67
C PHE B 82 47.10 -5.71 38.13
N LYS B 83 47.27 -4.58 38.83
CA LYS B 83 48.60 -4.20 39.28
C LYS B 83 49.13 -5.16 40.34
N SER B 84 48.26 -5.59 41.26
CA SER B 84 48.71 -6.49 42.32
C SER B 84 49.25 -7.81 41.77
N ALA B 85 48.68 -8.28 40.65
CA ALA B 85 49.18 -9.51 40.05
C ALA B 85 50.59 -9.34 39.47
N MET B 86 50.99 -8.10 39.19
CA MET B 86 52.31 -7.76 38.68
C MET B 86 53.34 -7.80 39.82
N PRO B 87 54.64 -7.85 39.50
CA PRO B 87 55.25 -7.87 38.18
C PRO B 87 55.19 -9.22 37.45
N GLU B 88 54.91 -10.32 38.14
CA GLU B 88 54.87 -11.58 37.42
C GLU B 88 53.53 -11.87 36.73
N GLY B 89 52.58 -10.96 36.82
CA GLY B 89 51.52 -10.93 35.85
C GLY B 89 50.33 -11.85 36.06
N TYR B 90 49.57 -11.96 34.97
CA TYR B 90 48.25 -12.58 35.04
C TYR B 90 47.90 -13.08 33.65
N VAL B 91 46.98 -14.03 33.58
CA VAL B 91 46.55 -14.60 32.30
C VAL B 91 45.12 -14.15 32.05
N GLN B 92 44.89 -13.57 30.89
CA GLN B 92 43.59 -13.05 30.51
C GLN B 92 43.02 -13.85 29.34
N GLU B 93 41.89 -14.52 29.59
CA GLU B 93 41.17 -15.28 28.60
C GLU B 93 39.83 -14.62 28.31
N ARG B 94 39.38 -14.73 27.06
CA ARG B 94 38.13 -14.10 26.67
C ARG B 94 37.41 -14.94 25.62
N THR B 95 36.09 -14.80 25.61
CA THR B 95 35.22 -15.37 24.58
C THR B 95 34.34 -14.23 24.09
N ILE B 96 34.62 -13.74 22.89
CA ILE B 96 33.88 -12.63 22.30
C ILE B 96 32.86 -13.20 21.32
N SER B 97 31.58 -13.00 21.61
CA SER B 97 30.49 -13.54 20.80
C SER B 97 29.90 -12.41 19.98
N PHE B 98 30.14 -12.43 18.67
CA PHE B 98 29.57 -11.45 17.77
C PHE B 98 28.14 -11.88 17.42
N LYS B 99 27.20 -10.95 17.53
CA LYS B 99 25.81 -11.28 17.26
C LYS B 99 25.65 -11.74 15.81
N ASP B 100 24.96 -12.86 15.63
CA ASP B 100 24.67 -13.41 14.31
C ASP B 100 25.93 -13.70 13.52
N ASP B 101 27.01 -14.04 14.21
CA ASP B 101 28.27 -14.21 13.51
C ASP B 101 29.17 -15.08 14.40
N GLY B 102 30.47 -15.08 14.13
CA GLY B 102 31.37 -15.98 14.83
C GLY B 102 31.85 -15.45 16.17
N THR B 103 32.78 -16.22 16.76
CA THR B 103 33.33 -15.91 18.08
C THR B 103 34.85 -15.96 18.06
N TYR B 104 35.46 -14.98 18.74
CA TYR B 104 36.90 -14.99 19.01
C TYR B 104 37.15 -15.78 20.27
N LYS B 105 38.27 -16.50 20.29
CA LYS B 105 38.73 -17.23 21.47
C LYS B 105 40.11 -16.67 21.81
N THR B 106 40.25 -16.13 23.01
CA THR B 106 41.40 -15.30 23.34
C THR B 106 42.09 -15.85 24.59
N ARG B 107 43.41 -15.92 24.53
CA ARG B 107 44.27 -16.19 25.68
C ARG B 107 45.47 -15.28 25.58
N ALA B 108 45.80 -14.61 26.68
CA ALA B 108 46.88 -13.62 26.67
C ALA B 108 47.60 -13.65 28.00
N GLU B 109 48.89 -13.37 27.98
CA GLU B 109 49.71 -13.38 29.18
C GLU B 109 50.22 -11.95 29.29
N VAL B 110 49.93 -11.26 30.39
CA VAL B 110 50.40 -9.88 30.56
C VAL B 110 51.31 -9.82 31.77
N LYS B 111 52.59 -9.52 31.54
CA LYS B 111 53.60 -9.55 32.58
C LYS B 111 54.64 -8.44 32.33
N PHE B 112 55.43 -8.14 33.37
CA PHE B 112 56.60 -7.28 33.16
C PHE B 112 57.74 -8.13 32.62
N GLU B 113 58.24 -7.71 31.48
CA GLU B 113 59.33 -8.36 30.77
C GLU B 113 60.41 -7.30 30.60
N GLY B 114 61.44 -7.35 31.44
CA GLY B 114 62.42 -6.26 31.48
C GLY B 114 61.82 -5.01 32.08
N ASP B 115 62.00 -3.87 31.40
CA ASP B 115 61.40 -2.62 31.84
C ASP B 115 60.06 -2.34 31.18
N THR B 116 59.49 -3.32 30.49
CA THR B 116 58.31 -3.14 29.66
C THR B 116 57.16 -4.02 30.13
N LEU B 117 55.95 -3.46 30.07
CA LEU B 117 54.73 -4.23 30.25
C LEU B 117 54.39 -4.86 28.90
N VAL B 118 54.30 -6.18 28.86
CA VAL B 118 54.19 -6.91 27.60
C VAL B 118 52.87 -7.69 27.57
N ASN B 119 52.22 -7.66 26.41
CA ASN B 119 50.93 -8.32 26.18
C ASN B 119 51.06 -9.25 24.98
N ARG B 120 51.10 -10.56 25.23
CA ARG B 120 51.19 -11.58 24.18
C ARG B 120 49.85 -12.31 24.12
N ILE B 121 49.22 -12.34 22.94
CA ILE B 121 47.86 -12.87 22.80
C ILE B 121 47.83 -13.95 21.73
N GLU B 122 46.95 -14.93 21.92
CA GLU B 122 46.59 -15.91 20.91
C GLU B 122 45.13 -15.70 20.56
N LEU B 123 44.82 -15.48 19.28
CA LEU B 123 43.45 -15.30 18.85
C LEU B 123 43.08 -16.41 17.87
N LYS B 124 41.98 -17.11 18.17
CA LYS B 124 41.41 -18.14 17.31
C LYS B 124 39.95 -17.80 17.15
N GLY B 125 39.55 -17.45 15.93
CA GLY B 125 38.18 -17.07 15.61
C GLY B 125 37.55 -18.09 14.69
N ILE B 126 36.31 -18.46 14.98
CA ILE B 126 35.62 -19.49 14.22
C ILE B 126 34.22 -19.04 13.83
N ASP B 127 33.72 -19.63 12.75
CA ASP B 127 32.32 -19.56 12.32
C ASP B 127 31.87 -18.15 11.94
N PHE B 128 32.74 -17.37 11.32
CA PHE B 128 32.22 -16.08 10.91
C PHE B 128 31.68 -16.18 9.50
N LYS B 129 30.68 -15.35 9.21
CA LYS B 129 30.11 -15.29 7.88
C LYS B 129 31.12 -14.61 6.96
N GLU B 130 31.48 -15.29 5.87
CA GLU B 130 32.60 -14.84 5.04
C GLU B 130 32.33 -13.46 4.44
N ASP B 131 31.07 -13.13 4.16
CA ASP B 131 30.67 -11.77 3.77
C ASP B 131 29.91 -11.03 4.86
N GLY B 132 30.09 -11.41 6.13
CA GLY B 132 29.46 -10.70 7.22
C GLY B 132 30.15 -9.37 7.49
N ASN B 133 29.70 -8.70 8.56
CA ASN B 133 30.27 -7.39 8.86
C ASN B 133 31.74 -7.50 9.25
N ILE B 134 32.12 -8.59 9.89
CA ILE B 134 33.49 -8.76 10.34
C ILE B 134 34.39 -9.07 9.14
N LEU B 135 34.13 -10.18 8.47
CA LEU B 135 35.00 -10.60 7.38
C LEU B 135 34.83 -9.77 6.12
N GLY B 136 33.70 -9.08 5.98
CA GLY B 136 33.50 -8.22 4.84
C GLY B 136 33.99 -6.80 5.05
N HIS B 137 34.61 -6.51 6.19
CA HIS B 137 35.09 -5.17 6.53
C HIS B 137 33.98 -4.14 6.31
N LYS B 138 32.98 -4.23 7.19
CA LYS B 138 31.79 -3.39 7.10
C LYS B 138 31.58 -2.53 8.33
N LEU B 139 32.58 -2.43 9.21
CA LEU B 139 32.50 -1.67 10.44
C LEU B 139 33.16 -0.31 10.29
N GLU B 140 32.55 0.71 10.92
CA GLU B 140 33.17 2.02 10.95
C GLU B 140 34.45 1.98 11.78
N TYR B 141 35.28 3.01 11.61
CA TYR B 141 36.60 3.03 12.23
C TYR B 141 36.55 3.88 13.49
N ASN B 142 35.98 3.29 14.56
CA ASN B 142 35.80 3.99 15.82
C ASN B 142 35.22 3.07 16.89
N MET B 143 35.50 3.33 18.17
CA MET B 143 34.87 2.57 19.24
C MET B 143 33.73 3.34 19.87
N GLY B 144 33.34 4.47 19.28
CA GLY B 144 32.23 5.24 19.79
C GLY B 144 30.90 4.60 19.47
N MET B 145 29.85 5.27 19.91
CA MET B 145 28.49 4.91 19.59
C MET B 145 27.91 5.92 18.61
N SER B 146 27.04 5.44 17.74
CA SER B 146 26.33 6.29 16.80
C SER B 146 24.93 6.52 17.36
N SER B 147 24.59 7.78 17.59
CA SER B 147 23.31 8.11 18.20
C SER B 147 22.16 7.67 17.31
N LEU B 148 21.00 7.47 17.93
CA LEU B 148 19.82 7.00 17.21
C LEU B 148 19.33 8.06 16.25
N LYS B 149 19.08 7.66 15.01
CA LYS B 149 18.45 8.51 14.02
C LYS B 149 17.09 7.89 13.76
N LEU B 150 16.09 8.33 14.52
CA LEU B 150 14.76 7.74 14.40
C LEU B 150 14.11 8.08 13.07
N LEU B 151 14.59 9.12 12.40
CA LEU B 151 14.04 9.49 11.10
C LEU B 151 14.28 8.38 10.07
N LYS B 152 15.33 7.58 10.28
CA LYS B 152 15.58 6.40 9.45
C LYS B 152 14.38 5.47 9.39
N TYR B 153 13.72 5.24 10.52
CA TYR B 153 12.62 4.29 10.56
C TYR B 153 11.34 4.94 10.03
N VAL B 154 11.14 6.22 10.33
CA VAL B 154 9.97 6.92 9.83
C VAL B 154 9.94 6.91 8.31
N LEU B 155 11.07 7.26 7.67
CA LEU B 155 11.15 7.24 6.21
C LEU B 155 10.95 5.84 5.64
N PHE B 156 11.70 4.86 6.15
CA PHE B 156 11.57 3.50 5.64
C PHE B 156 10.14 2.99 5.77
N PHE B 157 9.47 3.35 6.86
CA PHE B 157 8.11 2.87 7.09
C PHE B 157 7.14 3.39 6.04
N PHE B 158 7.11 4.70 5.81
CA PHE B 158 6.15 5.25 4.86
C PHE B 158 6.47 4.83 3.42
N ASN B 159 7.74 4.90 3.02
CA ASN B 159 8.04 4.54 1.63
C ASN B 159 7.82 3.06 1.36
N LEU B 160 7.99 2.20 2.38
CA LEU B 160 7.66 0.80 2.16
C LEU B 160 6.17 0.65 1.87
N LEU B 161 5.33 1.39 2.59
CA LEU B 161 3.90 1.38 2.27
C LEU B 161 3.67 1.98 0.87
N PHE B 162 4.35 3.09 0.57
CA PHE B 162 4.23 3.71 -0.74
C PHE B 162 4.78 2.81 -1.85
N TRP B 163 5.82 2.03 -1.56
CA TRP B 163 6.34 1.07 -2.53
C TRP B 163 5.28 0.07 -2.95
N ILE B 164 4.54 -0.50 -1.98
CA ILE B 164 3.54 -1.50 -2.33
C ILE B 164 2.37 -0.86 -3.06
N CYS B 165 1.98 0.35 -2.66
CA CYS B 165 0.94 1.07 -3.39
C CYS B 165 1.33 1.25 -4.84
N GLY B 166 2.57 1.68 -5.09
CA GLY B 166 3.02 1.84 -6.46
C GLY B 166 3.03 0.55 -7.24
N CYS B 167 3.41 -0.56 -6.58
CA CYS B 167 3.39 -1.86 -7.24
C CYS B 167 1.99 -2.23 -7.70
N CYS B 168 0.97 -1.90 -6.89
CA CYS B 168 -0.40 -2.22 -7.26
C CYS B 168 -0.90 -1.29 -8.36
N ILE B 169 -0.57 -0.01 -8.28
CA ILE B 169 -0.93 0.92 -9.34
C ILE B 169 -0.27 0.50 -10.65
N LEU B 170 1.03 0.15 -10.59
CA LEU B 170 1.70 -0.39 -11.76
C LEU B 170 1.09 -1.71 -12.19
N GLY B 171 0.79 -2.58 -11.22
CA GLY B 171 0.23 -3.88 -11.56
C GLY B 171 -1.09 -3.77 -12.31
N PHE B 172 -1.99 -2.91 -11.82
CA PHE B 172 -3.26 -2.73 -12.50
C PHE B 172 -3.06 -2.02 -13.84
N GLY B 173 -2.10 -1.10 -13.92
CA GLY B 173 -1.76 -0.51 -15.20
C GLY B 173 -1.26 -1.55 -16.20
N ILE B 174 -0.40 -2.46 -15.74
CA ILE B 174 0.01 -3.58 -16.58
C ILE B 174 -1.19 -4.43 -16.96
N TYR B 175 -2.08 -4.68 -16.00
CA TYR B 175 -3.28 -5.47 -16.26
C TYR B 175 -4.12 -4.83 -17.36
N LEU B 176 -4.37 -3.52 -17.26
CA LEU B 176 -5.18 -2.86 -18.28
C LEU B 176 -4.51 -2.88 -19.65
N LEU B 177 -3.18 -2.80 -19.70
CA LEU B 177 -2.48 -2.87 -20.98
C LEU B 177 -2.71 -4.21 -21.67
N ILE B 178 -2.63 -5.31 -20.91
CA ILE B 178 -2.78 -6.64 -21.50
C ILE B 178 -4.24 -7.06 -21.59
N HIS B 179 -5.05 -6.79 -20.56
CA HIS B 179 -6.38 -7.39 -20.50
C HIS B 179 -7.37 -6.71 -21.43
N ASN B 180 -7.39 -5.39 -21.46
CA ASN B 180 -8.44 -4.66 -22.15
C ASN B 180 -7.87 -3.79 -23.26
N ASN B 181 -8.74 -3.42 -24.20
CA ASN B 181 -8.41 -2.50 -25.28
C ASN B 181 -9.43 -1.37 -25.25
N PHE B 182 -8.96 -0.17 -24.88
CA PHE B 182 -9.79 1.03 -24.90
C PHE B 182 -9.36 1.97 -26.01
N GLY B 183 -8.69 1.45 -27.03
CA GLY B 183 -8.22 2.19 -28.18
C GLY B 183 -7.27 3.32 -27.82
N VAL B 184 -7.11 4.23 -28.78
CA VAL B 184 -6.29 5.42 -28.62
C VAL B 184 -7.13 6.62 -29.02
N LEU B 185 -7.39 7.52 -28.06
CA LEU B 185 -8.19 8.71 -28.40
C LEU B 185 -7.46 9.63 -29.35
N PHE B 186 -6.16 9.81 -29.17
CA PHE B 186 -5.42 10.79 -29.95
C PHE B 186 -4.36 10.04 -30.75
N HIS B 187 -4.61 9.92 -32.05
CA HIS B 187 -3.69 9.19 -32.93
C HIS B 187 -2.28 9.73 -32.86
N ASN B 188 -2.14 11.02 -32.54
CA ASN B 188 -0.82 11.61 -32.43
C ASN B 188 -0.14 11.31 -31.11
N LEU B 189 -0.89 10.96 -30.06
CA LEU B 189 -0.34 10.62 -28.75
C LEU B 189 -0.77 9.21 -28.41
N PRO B 190 -0.09 8.20 -28.96
CA PRO B 190 -0.49 6.81 -28.68
C PRO B 190 -0.27 6.40 -27.25
N SER B 191 0.71 7.00 -26.57
CA SER B 191 1.04 6.64 -25.19
C SER B 191 -0.06 6.97 -24.20
N LEU B 192 -0.98 7.86 -24.56
CA LEU B 192 -1.98 8.36 -23.62
C LEU B 192 -3.15 7.38 -23.54
N THR B 193 -2.95 6.31 -22.77
CA THR B 193 -3.98 5.33 -22.46
C THR B 193 -4.11 5.19 -20.96
N LEU B 194 -5.29 4.73 -20.53
CA LEU B 194 -5.56 4.62 -19.10
C LEU B 194 -4.63 3.61 -18.44
N GLY B 195 -4.30 2.53 -19.14
CA GLY B 195 -3.35 1.56 -18.60
C GLY B 195 -1.95 2.14 -18.48
N ASN B 196 -1.52 2.88 -19.51
CA ASN B 196 -0.16 3.43 -19.50
C ASN B 196 -0.02 4.54 -18.46
N VAL B 197 -1.06 5.36 -18.26
CA VAL B 197 -0.93 6.41 -17.25
C VAL B 197 -0.71 5.82 -15.86
N PHE B 198 -1.39 4.70 -15.55
CA PHE B 198 -1.06 4.00 -14.32
C PHE B 198 0.38 3.53 -14.31
N VAL B 199 0.85 2.97 -15.43
CA VAL B 199 2.20 2.45 -15.48
C VAL B 199 3.21 3.55 -15.18
N ILE B 200 2.99 4.73 -15.75
CA ILE B 200 3.92 5.84 -15.52
C ILE B 200 3.90 6.28 -14.06
N VAL B 201 2.71 6.58 -13.53
CA VAL B 201 2.63 7.05 -12.15
C VAL B 201 3.04 5.95 -11.18
N GLY B 202 2.62 4.71 -11.44
CA GLY B 202 3.04 3.60 -10.59
C GLY B 202 4.54 3.43 -10.57
N SER B 203 5.18 3.54 -11.75
CA SER B 203 6.63 3.42 -11.83
C SER B 203 7.32 4.53 -11.04
N ILE B 204 6.85 5.77 -11.20
CA ILE B 204 7.47 6.89 -10.51
C ILE B 204 7.39 6.72 -9.00
N ILE B 205 6.23 6.29 -8.50
CA ILE B 205 6.10 6.04 -7.06
C ILE B 205 7.09 4.97 -6.61
N MET B 206 7.22 3.91 -7.41
CA MET B 206 8.09 2.79 -7.02
C MET B 206 9.55 3.22 -6.96
N VAL B 207 10.01 4.03 -7.91
CA VAL B 207 11.42 4.43 -7.88
C VAL B 207 11.65 5.42 -6.74
N VAL B 208 10.67 6.27 -6.45
CA VAL B 208 10.83 7.21 -5.35
C VAL B 208 10.82 6.46 -4.02
N ALA B 209 9.86 5.55 -3.85
CA ALA B 209 9.82 4.77 -2.61
C ALA B 209 11.07 3.91 -2.46
N PHE B 210 11.59 3.38 -3.57
CA PHE B 210 12.79 2.56 -3.51
C PHE B 210 13.99 3.37 -3.02
N LEU B 211 14.19 4.59 -3.56
CA LEU B 211 15.32 5.39 -3.13
C LEU B 211 15.18 5.78 -1.66
N GLY B 212 13.96 6.12 -1.24
CA GLY B 212 13.74 6.43 0.16
C GLY B 212 13.97 5.23 1.07
N CYS B 213 13.44 4.06 0.68
CA CYS B 213 13.65 2.86 1.48
C CYS B 213 15.12 2.48 1.57
N MET B 214 15.77 2.29 0.42
CA MET B 214 17.18 1.90 0.45
C MET B 214 18.03 3.00 1.07
N GLY B 215 17.70 4.26 0.80
CA GLY B 215 18.50 5.34 1.34
C GLY B 215 18.40 5.44 2.85
N SER B 216 17.19 5.34 3.38
CA SER B 216 17.00 5.54 4.82
C SER B 216 17.56 4.38 5.63
N ILE B 217 17.27 3.15 5.23
CA ILE B 217 17.67 2.00 6.04
C ILE B 217 19.18 1.79 5.95
N LYS B 218 19.81 2.17 4.83
CA LYS B 218 21.24 2.01 4.64
C LYS B 218 22.04 3.27 4.96
N GLU B 219 21.38 4.38 5.31
CA GLU B 219 22.04 5.64 5.63
C GLU B 219 22.99 6.08 4.51
N ASN B 220 22.48 6.01 3.28
CA ASN B 220 23.24 6.38 2.09
C ASN B 220 22.90 7.82 1.71
N LYS B 221 23.87 8.73 1.94
CA LYS B 221 23.64 10.15 1.69
C LYS B 221 23.22 10.42 0.25
N SER B 222 23.87 9.75 -0.71
CA SER B 222 23.58 10.02 -2.12
C SER B 222 22.17 9.55 -2.49
N LEU B 223 21.71 8.42 -1.94
CA LEU B 223 20.35 7.99 -2.22
C LEU B 223 19.33 8.92 -1.59
N LEU B 224 19.60 9.42 -0.38
CA LEU B 224 18.71 10.42 0.21
C LEU B 224 18.65 11.65 -0.69
N MET B 225 19.80 12.10 -1.19
CA MET B 225 19.84 13.30 -2.02
C MET B 225 19.13 13.06 -3.34
N SER B 226 19.40 11.91 -3.98
CA SER B 226 18.67 11.54 -5.19
C SER B 226 17.16 11.50 -4.92
N PHE B 227 16.78 10.82 -3.83
CA PHE B 227 15.40 10.82 -3.38
C PHE B 227 14.87 12.23 -3.19
N PHE B 228 15.68 13.11 -2.60
CA PHE B 228 15.23 14.48 -2.36
C PHE B 228 15.07 15.26 -3.66
N ILE B 229 16.10 15.28 -4.49
CA ILE B 229 16.06 16.04 -5.74
C ILE B 229 14.91 15.56 -6.62
N LEU B 230 14.73 14.23 -6.69
CA LEU B 230 13.65 13.68 -7.51
C LEU B 230 12.28 14.14 -7.01
N LEU B 231 12.04 14.07 -5.70
CA LEU B 231 10.80 14.62 -5.15
C LEU B 231 10.68 16.12 -5.45
N LEU B 232 11.80 16.83 -5.33
CA LEU B 232 11.80 18.26 -5.65
C LEU B 232 11.33 18.50 -7.08
N ILE B 233 11.81 17.68 -8.02
CA ILE B 233 11.41 17.82 -9.41
C ILE B 233 9.93 17.50 -9.59
N ILE B 234 9.47 16.40 -9.00
CA ILE B 234 8.06 16.03 -9.14
C ILE B 234 7.17 17.08 -8.53
N LEU B 235 7.54 17.61 -7.36
CA LEU B 235 6.74 18.64 -6.71
C LEU B 235 6.71 19.92 -7.55
N LEU B 236 7.86 20.30 -8.14
CA LEU B 236 7.87 21.52 -8.96
C LEU B 236 7.10 21.34 -10.26
N ALA B 237 7.25 20.19 -10.93
CA ALA B 237 6.46 19.95 -12.14
C ALA B 237 4.98 19.98 -11.79
N GLU B 238 4.66 19.52 -10.58
CA GLU B 238 3.30 19.46 -10.07
C GLU B 238 2.69 20.86 -9.92
N VAL B 239 3.39 21.76 -9.22
CA VAL B 239 2.88 23.12 -9.08
C VAL B 239 2.93 23.84 -10.42
N THR B 240 3.98 23.61 -11.22
CA THR B 240 4.05 24.19 -12.55
C THR B 240 2.82 23.85 -13.36
N LEU B 241 2.46 22.56 -13.38
CA LEU B 241 1.23 22.13 -14.03
C LEU B 241 0.03 22.89 -13.50
N ALA B 242 -0.04 23.06 -12.18
CA ALA B 242 -1.19 23.73 -11.56
C ALA B 242 -1.34 25.15 -12.07
N ILE B 243 -0.24 25.93 -12.09
CA ILE B 243 -0.35 27.31 -12.53
C ILE B 243 -0.64 27.38 -14.03
N LEU B 244 0.05 26.56 -14.84
CA LEU B 244 -0.21 26.56 -16.28
C LEU B 244 -1.65 26.15 -16.57
N LEU B 245 -2.20 25.22 -15.78
CA LEU B 245 -3.60 24.83 -16.01
C LEU B 245 -4.54 26.02 -15.87
N PHE B 246 -4.33 26.88 -14.89
CA PHE B 246 -5.29 27.95 -14.70
C PHE B 246 -4.93 29.24 -15.41
N VAL B 247 -3.65 29.51 -15.66
CA VAL B 247 -3.35 30.68 -16.48
C VAL B 247 -3.71 30.42 -17.93
N TYR B 248 -3.61 29.16 -18.38
CA TYR B 248 -3.95 28.78 -19.74
C TYR B 248 -5.16 27.85 -19.77
N GLU B 249 -6.07 28.00 -18.81
CA GLU B 249 -7.28 27.18 -18.79
C GLU B 249 -8.03 27.34 -20.10
N GLN B 250 -8.13 28.57 -20.55
CA GLN B 250 -8.91 28.96 -21.69
C GLN B 250 -8.19 28.57 -23.00
N LYS B 251 -6.86 28.64 -23.00
CA LYS B 251 -6.06 28.27 -24.18
C LYS B 251 -5.89 26.76 -24.37
N LEU B 252 -5.84 25.96 -23.31
CA LEU B 252 -5.69 24.53 -23.53
C LEU B 252 -7.03 23.81 -23.69
N ASN B 253 -8.14 24.49 -23.44
CA ASN B 253 -9.44 23.94 -23.76
C ASN B 253 -9.59 23.74 -25.27
N GLU B 254 -9.25 24.76 -26.06
CA GLU B 254 -9.31 24.61 -27.51
C GLU B 254 -8.43 23.47 -27.97
N TYR B 255 -7.22 23.40 -27.42
CA TYR B 255 -6.21 22.45 -27.88
C TYR B 255 -6.72 21.01 -27.85
N VAL B 256 -7.24 20.57 -26.70
CA VAL B 256 -7.73 19.20 -26.64
C VAL B 256 -9.03 19.08 -27.41
N ALA B 257 -9.83 20.15 -27.46
CA ALA B 257 -11.04 20.12 -28.28
C ALA B 257 -10.70 19.99 -29.75
N LYS B 258 -9.66 20.71 -30.20
CA LYS B 258 -9.17 20.52 -31.56
C LYS B 258 -8.68 19.09 -31.75
N GLY B 259 -7.93 18.56 -30.78
CA GLY B 259 -7.45 17.19 -30.90
C GLY B 259 -8.58 16.18 -30.94
N LEU B 260 -9.63 16.42 -30.16
CA LEU B 260 -10.77 15.50 -30.14
C LEU B 260 -11.54 15.54 -31.46
N THR B 261 -11.74 16.73 -32.03
CA THR B 261 -12.40 16.82 -33.33
C THR B 261 -11.59 16.12 -34.41
N ASP B 262 -10.25 16.20 -34.35
CA ASP B 262 -9.45 15.44 -35.29
C ASP B 262 -9.66 13.94 -35.08
N SER B 263 -9.77 13.51 -33.83
CA SER B 263 -9.99 12.09 -33.55
C SER B 263 -11.35 11.63 -34.06
N ILE B 264 -12.37 12.48 -33.95
CA ILE B 264 -13.71 12.09 -34.37
C ILE B 264 -13.79 11.99 -35.90
N HIS B 265 -12.84 12.61 -36.59
CA HIS B 265 -12.74 12.50 -38.04
C HIS B 265 -12.34 11.08 -38.47
N ARG B 266 -11.65 10.36 -37.59
CA ARG B 266 -11.04 9.06 -37.88
C ARG B 266 -11.93 7.87 -37.58
N TYR B 267 -13.17 8.09 -37.14
CA TYR B 267 -13.94 7.01 -36.52
C TYR B 267 -14.10 5.81 -37.47
N HIS B 268 -14.45 6.05 -38.72
CA HIS B 268 -14.72 4.93 -39.64
C HIS B 268 -13.49 4.41 -40.37
N SER B 269 -12.30 4.91 -40.05
CA SER B 269 -11.10 4.47 -40.76
C SER B 269 -9.99 3.96 -39.84
N ASP B 270 -10.04 4.28 -38.55
CA ASP B 270 -9.03 3.87 -37.58
C ASP B 270 -9.73 3.09 -36.47
N ASN B 271 -9.43 1.80 -36.38
CA ASN B 271 -10.05 0.96 -35.37
C ASN B 271 -9.67 1.36 -33.94
N SER B 272 -8.46 1.91 -33.74
CA SER B 272 -8.07 2.29 -32.39
C SER B 272 -8.87 3.49 -31.90
N THR B 273 -9.05 4.51 -32.73
CA THR B 273 -9.87 5.65 -32.35
C THR B 273 -11.35 5.25 -32.22
N LYS B 274 -11.82 4.32 -33.04
CA LYS B 274 -13.20 3.84 -32.87
C LYS B 274 -13.37 3.12 -31.53
N ALA B 275 -12.42 2.24 -31.18
CA ALA B 275 -12.51 1.54 -29.90
C ALA B 275 -12.45 2.52 -28.74
N ALA B 276 -11.70 3.61 -28.88
CA ALA B 276 -11.62 4.61 -27.82
C ALA B 276 -12.97 5.31 -27.62
N TRP B 277 -13.57 5.80 -28.71
CA TRP B 277 -14.86 6.48 -28.61
C TRP B 277 -15.96 5.55 -28.13
N ASP B 278 -15.96 4.30 -28.60
CA ASP B 278 -17.01 3.37 -28.21
C ASP B 278 -16.92 3.04 -26.71
N SER B 279 -15.72 2.77 -26.22
CA SER B 279 -15.57 2.45 -24.81
C SER B 279 -15.88 3.65 -23.92
N ILE B 280 -15.40 4.84 -24.31
CA ILE B 280 -15.66 6.04 -23.49
C ILE B 280 -17.14 6.37 -23.47
N GLN B 281 -17.77 6.44 -24.64
CA GLN B 281 -19.18 6.81 -24.71
C GLN B 281 -20.04 5.82 -23.95
N SER B 282 -19.78 4.52 -24.14
CA SER B 282 -20.55 3.51 -23.44
C SER B 282 -20.30 3.51 -21.94
N PHE B 283 -19.13 3.99 -21.49
CA PHE B 283 -18.82 4.00 -20.06
C PHE B 283 -19.40 5.22 -19.37
N LEU B 284 -19.12 6.42 -19.89
CA LEU B 284 -19.60 7.65 -19.27
C LEU B 284 -21.03 8.00 -19.69
N GLN B 285 -21.62 7.22 -20.60
CA GLN B 285 -22.99 7.44 -21.06
C GLN B 285 -23.14 8.85 -21.63
N CYS B 286 -22.33 9.11 -22.66
CA CYS B 286 -22.27 10.38 -23.36
C CYS B 286 -22.12 10.11 -24.85
N CYS B 287 -22.15 11.17 -25.69
CA CYS B 287 -22.17 10.84 -27.11
C CYS B 287 -21.31 11.78 -27.99
N GLY B 288 -20.25 12.37 -27.48
CA GLY B 288 -19.43 13.17 -28.37
C GLY B 288 -18.72 14.28 -27.61
N ILE B 289 -18.30 15.30 -28.36
CA ILE B 289 -17.61 16.43 -27.72
C ILE B 289 -18.61 17.22 -26.89
N ALA B 290 -19.69 17.68 -27.51
CA ALA B 290 -20.73 18.42 -26.81
C ALA B 290 -22.13 17.85 -27.01
N GLY B 291 -22.26 16.76 -27.75
CA GLY B 291 -23.57 16.19 -27.98
C GLY B 291 -23.57 15.31 -29.21
N THR B 292 -24.76 14.83 -29.55
CA THR B 292 -24.92 13.94 -30.69
C THR B 292 -24.78 14.64 -32.02
N SER B 293 -24.73 15.98 -32.03
CA SER B 293 -24.60 16.72 -33.29
C SER B 293 -23.20 16.60 -33.87
N ASP B 294 -22.24 16.15 -33.07
CA ASP B 294 -20.88 15.95 -33.56
C ASP B 294 -20.83 14.82 -34.59
N TRP B 295 -21.68 13.81 -34.43
CA TRP B 295 -21.81 12.73 -35.40
C TRP B 295 -22.81 13.24 -36.45
N THR B 296 -22.28 13.83 -37.52
CA THR B 296 -23.14 14.49 -38.48
C THR B 296 -23.99 13.50 -39.28
N SER B 297 -23.54 12.26 -39.40
CA SER B 297 -24.30 11.22 -40.10
C SER B 297 -25.08 10.32 -39.17
N GLY B 298 -25.08 10.61 -37.86
CA GLY B 298 -25.74 9.77 -36.89
C GLY B 298 -24.78 9.17 -35.89
N PRO B 299 -25.18 9.16 -34.62
CA PRO B 299 -24.31 8.66 -33.57
C PRO B 299 -24.13 7.13 -33.68
N PRO B 300 -22.99 6.61 -33.25
CA PRO B 300 -22.80 5.15 -33.26
C PRO B 300 -23.71 4.47 -32.26
N ALA B 301 -23.75 3.13 -32.35
CA ALA B 301 -24.59 2.36 -31.45
C ALA B 301 -24.15 2.55 -30.00
N SER B 302 -22.84 2.64 -29.76
CA SER B 302 -22.31 2.84 -28.41
C SER B 302 -22.46 4.30 -27.97
N CYS B 303 -23.72 4.77 -27.99
CA CYS B 303 -24.18 6.07 -27.52
C CYS B 303 -25.54 5.91 -26.86
N PRO B 304 -25.77 6.58 -25.73
CA PRO B 304 -27.12 6.60 -25.15
C PRO B 304 -28.12 7.16 -26.13
N SER B 305 -29.24 6.45 -26.27
CA SER B 305 -30.33 6.81 -27.18
C SER B 305 -31.31 7.81 -26.58
N ASP B 306 -30.96 8.42 -25.44
CA ASP B 306 -31.82 9.32 -24.70
C ASP B 306 -32.07 10.61 -25.47
N ARG B 307 -33.07 11.36 -25.00
CA ARG B 307 -33.49 12.61 -25.63
C ARG B 307 -32.28 13.51 -25.88
N LYS B 308 -31.63 13.95 -24.80
CA LYS B 308 -30.41 14.76 -24.92
C LYS B 308 -29.35 14.24 -23.96
N VAL B 309 -28.67 13.18 -24.38
CA VAL B 309 -27.50 12.70 -23.63
C VAL B 309 -26.42 13.77 -23.65
N GLU B 310 -25.72 13.90 -22.54
CA GLU B 310 -24.73 14.96 -22.44
C GLU B 310 -23.54 14.62 -23.33
N GLY B 311 -22.77 15.64 -23.72
CA GLY B 311 -21.55 15.39 -24.48
C GLY B 311 -20.45 14.81 -23.60
N CYS B 312 -19.60 13.97 -24.20
CA CYS B 312 -18.52 13.34 -23.43
C CYS B 312 -17.54 14.37 -22.91
N TYR B 313 -17.03 15.24 -23.78
CA TYR B 313 -16.07 16.24 -23.33
C TYR B 313 -16.72 17.25 -22.41
N ALA B 314 -17.96 17.65 -22.73
CA ALA B 314 -18.69 18.55 -21.84
C ALA B 314 -18.89 17.92 -20.47
N LYS B 315 -19.30 16.65 -20.42
CA LYS B 315 -19.52 15.98 -19.14
C LYS B 315 -18.25 15.92 -18.31
N ALA B 316 -17.13 15.60 -18.97
CA ALA B 316 -15.87 15.52 -18.25
C ALA B 316 -15.48 16.85 -17.64
N ARG B 317 -15.55 17.93 -18.40
CA ARG B 317 -15.12 19.23 -17.88
C ARG B 317 -16.08 19.74 -16.78
N LEU B 318 -17.41 19.45 -16.84
CA LEU B 318 -18.26 19.78 -15.69
C LEU B 318 -17.87 18.96 -14.47
N TRP B 319 -17.53 17.68 -14.67
CA TRP B 319 -17.15 16.83 -13.54
C TRP B 319 -15.96 17.41 -12.80
N PHE B 320 -14.96 17.87 -13.54
CA PHE B 320 -13.75 18.42 -12.94
C PHE B 320 -14.04 19.77 -12.28
N HIS B 321 -14.90 20.60 -12.88
CA HIS B 321 -15.27 21.83 -12.17
C HIS B 321 -16.09 21.53 -10.91
N SER B 322 -17.00 20.55 -10.99
CA SER B 322 -17.85 20.25 -9.84
C SER B 322 -17.09 19.66 -8.67
N ASN B 323 -16.00 18.94 -8.92
CA ASN B 323 -15.23 18.30 -7.86
C ASN B 323 -13.87 18.96 -7.71
N PHE B 324 -13.74 20.21 -8.14
CA PHE B 324 -12.46 20.89 -8.08
C PHE B 324 -11.95 21.00 -6.65
N LEU B 325 -12.85 21.25 -5.70
CA LEU B 325 -12.43 21.31 -4.31
C LEU B 325 -11.87 19.97 -3.85
N TYR B 326 -12.53 18.86 -4.25
CA TYR B 326 -12.07 17.54 -3.84
C TYR B 326 -10.67 17.25 -4.35
N ILE B 327 -10.44 17.41 -5.66
CA ILE B 327 -9.11 17.09 -6.15
C ILE B 327 -8.09 18.06 -5.59
N GLY B 328 -8.50 19.30 -5.30
CA GLY B 328 -7.57 20.25 -4.69
C GLY B 328 -7.11 19.80 -3.32
N ILE B 329 -8.05 19.30 -2.50
CA ILE B 329 -7.67 18.76 -1.20
C ILE B 329 -6.76 17.54 -1.37
N ILE B 330 -7.15 16.62 -2.27
CA ILE B 330 -6.29 15.47 -2.54
C ILE B 330 -4.95 15.92 -3.10
N THR B 331 -4.94 17.00 -3.89
CA THR B 331 -3.68 17.48 -4.44
C THR B 331 -2.76 17.98 -3.34
N ILE B 332 -3.28 18.83 -2.45
CA ILE B 332 -2.43 19.34 -1.38
C ILE B 332 -2.06 18.24 -0.40
N CYS B 333 -2.84 17.17 -0.32
CA CYS B 333 -2.46 16.05 0.55
C CYS B 333 -1.21 15.35 0.04
N VAL B 334 -1.21 14.95 -1.24
CA VAL B 334 -0.01 14.31 -1.78
C VAL B 334 1.15 15.29 -1.78
N CYS B 335 0.87 16.59 -1.92
CA CYS B 335 1.94 17.58 -1.91
C CYS B 335 2.59 17.68 -0.53
N VAL B 336 1.80 17.72 0.54
CA VAL B 336 2.39 17.84 1.87
C VAL B 336 3.12 16.56 2.26
N ILE B 337 2.59 15.39 1.89
CA ILE B 337 3.31 14.14 2.09
C ILE B 337 4.66 14.21 1.38
N GLU B 338 4.62 14.72 0.16
CA GLU B 338 5.79 14.88 -0.69
C GLU B 338 6.83 15.77 -0.03
N VAL B 339 6.44 16.98 0.39
CA VAL B 339 7.39 17.87 1.05
C VAL B 339 7.80 17.35 2.43
N LEU B 340 6.91 16.65 3.16
CA LEU B 340 7.33 16.04 4.42
C LEU B 340 8.48 15.06 4.20
N GLY B 341 8.35 14.21 3.17
CA GLY B 341 9.44 13.29 2.87
C GLY B 341 10.72 14.04 2.52
N MET B 342 10.58 15.19 1.87
CA MET B 342 11.75 16.02 1.55
C MET B 342 12.45 16.52 2.82
N SER B 343 11.70 17.10 3.77
CA SER B 343 12.33 17.51 5.02
C SER B 343 12.90 16.33 5.77
N PHE B 344 12.14 15.23 5.86
CA PHE B 344 12.66 14.01 6.46
C PHE B 344 13.99 13.63 5.84
N ALA B 345 14.06 13.61 4.50
CA ALA B 345 15.28 13.18 3.84
C ALA B 345 16.44 14.12 4.11
N LEU B 346 16.23 15.44 3.96
CA LEU B 346 17.32 16.37 4.22
C LEU B 346 17.74 16.37 5.69
N THR B 347 16.78 16.31 6.61
CA THR B 347 17.13 16.28 8.03
C THR B 347 17.97 15.05 8.34
N LEU B 348 17.50 13.87 7.91
CA LEU B 348 18.28 12.66 8.12
C LEU B 348 19.63 12.73 7.44
N ASN B 349 19.68 13.31 6.22
CA ASN B 349 20.93 13.39 5.48
C ASN B 349 22.01 14.11 6.27
N SER B 350 21.67 15.22 6.90
CA SER B 350 22.63 16.02 7.65
C SER B 350 23.10 15.33 8.93
N GLN B 351 22.32 14.39 9.45
CA GLN B 351 22.66 13.68 10.68
C GLN B 351 23.61 12.50 10.47
N ILE B 352 23.88 12.11 9.23
CA ILE B 352 24.60 10.88 8.94
C ILE B 352 26.13 10.91 9.17
N ASP B 353 26.80 12.01 8.84
CA ASP B 353 28.27 12.04 8.84
C ASP B 353 28.94 11.38 10.04
N LYS B 354 28.77 11.96 11.24
CA LYS B 354 29.27 11.38 12.49
C LYS B 354 30.68 10.82 12.46
N THR B 355 31.68 11.68 12.25
CA THR B 355 33.08 11.30 12.35
C THR B 355 33.44 10.07 11.49
N ASN B 363 32.52 8.84 23.91
CA ASN B 363 32.58 7.40 23.72
C ASN B 363 32.86 6.77 25.07
N SER B 364 31.99 5.87 25.55
CA SER B 364 32.30 5.17 26.78
C SER B 364 31.70 3.77 26.79
N HIS B 365 32.46 2.84 27.35
CA HIS B 365 32.08 1.46 27.58
C HIS B 365 32.44 1.12 29.02
N ASN B 366 31.60 0.35 29.70
CA ASN B 366 31.89 -0.05 31.08
C ASN B 366 32.17 -1.53 31.14
N VAL B 367 33.33 -1.88 31.68
CA VAL B 367 33.72 -3.27 31.90
C VAL B 367 33.44 -3.59 33.35
N TYR B 368 32.39 -4.36 33.61
CA TYR B 368 31.97 -4.65 34.98
C TYR B 368 32.79 -5.82 35.53
N ILE B 369 33.52 -5.55 36.62
CA ILE B 369 34.45 -6.48 37.24
C ILE B 369 33.78 -7.20 38.41
N THR B 370 33.95 -8.52 38.49
CA THR B 370 33.52 -9.30 39.64
C THR B 370 34.64 -10.24 40.03
N ALA B 371 34.79 -10.45 41.34
CA ALA B 371 35.84 -11.33 41.83
C ALA B 371 35.47 -12.79 41.57
N ASP B 372 36.48 -13.62 41.39
CA ASP B 372 36.30 -15.06 41.26
C ASP B 372 36.96 -15.68 42.49
N LYS B 373 36.13 -16.06 43.46
CA LYS B 373 36.63 -16.42 44.78
C LYS B 373 37.58 -17.60 44.73
N GLN B 374 37.26 -18.59 43.89
CA GLN B 374 37.91 -19.88 43.96
C GLN B 374 39.03 -20.07 42.94
N LYS B 375 39.02 -19.34 41.82
CA LYS B 375 40.04 -19.29 40.80
C LYS B 375 41.05 -18.17 41.06
N ASN B 376 40.95 -17.44 42.21
CA ASN B 376 41.90 -16.39 42.73
C ASN B 376 42.07 -15.20 41.80
N GLY B 377 41.03 -14.94 41.01
CA GLY B 377 41.10 -13.89 40.05
C GLY B 377 39.79 -13.15 39.91
N ILE B 378 39.57 -12.57 38.73
CA ILE B 378 38.37 -11.79 38.46
C ILE B 378 37.73 -12.29 37.16
N LYS B 379 36.44 -11.99 37.02
CA LYS B 379 35.66 -12.29 35.83
C LYS B 379 35.07 -10.98 35.33
N ALA B 380 34.69 -10.93 34.05
CA ALA B 380 34.11 -9.70 33.53
C ALA B 380 33.29 -10.00 32.28
N ASN B 381 32.27 -9.17 32.05
CA ASN B 381 31.47 -9.27 30.84
C ASN B 381 30.93 -7.89 30.48
N PHE B 382 30.84 -7.63 29.18
CA PHE B 382 30.36 -6.35 28.68
C PHE B 382 30.04 -6.47 27.20
N LYS B 383 29.15 -5.60 26.72
CA LYS B 383 28.74 -5.56 25.32
C LYS B 383 29.33 -4.33 24.66
N ILE B 384 29.86 -4.50 23.45
CA ILE B 384 30.36 -3.40 22.64
C ILE B 384 29.66 -3.45 21.29
N ARG B 385 29.05 -2.33 20.92
CA ARG B 385 28.31 -2.23 19.66
C ARG B 385 29.20 -1.55 18.63
N HIS B 386 29.73 -2.33 17.70
CA HIS B 386 30.48 -1.78 16.59
C HIS B 386 29.51 -1.19 15.58
N ASN B 387 29.83 -0.01 15.09
CA ASN B 387 28.93 0.73 14.21
C ASN B 387 29.10 0.21 12.79
N VAL B 388 28.03 -0.22 12.18
CA VAL B 388 28.15 -0.72 10.82
C VAL B 388 28.00 0.47 9.89
N GLU B 389 28.62 0.32 8.73
CA GLU B 389 28.68 1.32 7.69
C GLU B 389 27.31 1.68 7.15
N ASP B 390 26.34 0.78 7.28
CA ASP B 390 24.95 1.00 6.89
C ASP B 390 24.10 1.56 8.03
N GLY B 391 24.72 2.09 9.08
CA GLY B 391 24.02 2.68 10.21
C GLY B 391 23.67 1.73 11.34
N SER B 392 23.57 0.43 11.07
CA SER B 392 23.27 -0.54 12.11
C SER B 392 24.48 -0.77 13.03
N VAL B 393 24.27 -1.57 14.08
CA VAL B 393 25.34 -1.88 15.03
C VAL B 393 25.62 -3.37 15.00
N GLN B 394 26.87 -3.72 15.25
CA GLN B 394 27.31 -5.11 15.37
C GLN B 394 27.57 -5.36 16.84
N LEU B 395 26.77 -6.23 17.45
CA LEU B 395 26.92 -6.50 18.87
C LEU B 395 28.12 -7.43 19.07
N ALA B 396 29.03 -7.04 19.96
CA ALA B 396 30.19 -7.86 20.32
C ALA B 396 30.08 -8.17 21.80
N ASP B 397 29.72 -9.40 22.12
CA ASP B 397 29.45 -9.82 23.49
C ASP B 397 30.71 -10.46 24.06
N HIS B 398 31.19 -9.92 25.19
CA HIS B 398 32.47 -10.26 25.78
C HIS B 398 32.31 -10.96 27.13
N TYR B 399 33.00 -12.09 27.31
CA TYR B 399 33.14 -12.71 28.62
C TYR B 399 34.63 -12.83 28.91
N GLN B 400 35.04 -12.54 30.16
CA GLN B 400 36.45 -12.38 30.44
C GLN B 400 36.83 -13.24 31.65
N GLN B 401 38.09 -13.68 31.69
CA GLN B 401 38.56 -14.47 32.83
C GLN B 401 40.04 -14.17 33.05
N ASN B 402 40.39 -13.71 34.25
CA ASN B 402 41.73 -13.28 34.61
C ASN B 402 42.24 -14.05 35.82
N THR B 403 43.43 -14.66 35.67
CA THR B 403 44.06 -15.39 36.77
C THR B 403 45.50 -14.93 36.91
N PRO B 404 45.99 -14.77 38.14
CA PRO B 404 47.38 -14.33 38.32
C PRO B 404 48.38 -15.44 38.01
N ILE B 405 49.47 -15.05 37.38
CA ILE B 405 50.55 -16.00 37.05
C ILE B 405 51.38 -16.32 38.28
N GLY B 406 51.64 -15.33 39.12
CA GLY B 406 52.49 -15.53 40.27
C GLY B 406 51.73 -16.02 41.47
N ASP B 407 52.48 -16.48 42.47
CA ASP B 407 51.89 -17.00 43.69
C ASP B 407 51.74 -15.94 44.78
N GLY B 408 52.10 -14.69 44.48
CA GLY B 408 52.04 -13.62 45.45
C GLY B 408 50.62 -13.18 45.75
N PRO B 409 50.44 -12.51 46.88
CA PRO B 409 49.09 -12.05 47.29
C PRO B 409 48.53 -11.04 46.30
N VAL B 410 47.38 -11.38 45.73
CA VAL B 410 46.66 -10.49 44.84
C VAL B 410 45.42 -9.99 45.58
N LEU B 411 44.83 -8.93 45.06
CA LEU B 411 43.67 -8.31 45.67
C LEU B 411 42.41 -8.83 44.98
N LEU B 412 41.53 -9.47 45.73
CA LEU B 412 40.24 -9.85 45.18
C LEU B 412 39.25 -8.76 45.53
N PRO B 413 38.69 -8.05 44.54
CA PRO B 413 38.01 -6.80 44.83
C PRO B 413 36.51 -6.89 44.96
N ASP B 414 35.91 -5.90 45.60
CA ASP B 414 34.47 -5.75 45.55
C ASP B 414 34.08 -5.34 44.13
N ASN B 415 32.82 -5.62 43.77
CA ASN B 415 32.38 -5.34 42.42
C ASN B 415 32.61 -3.88 42.05
N HIS B 416 33.13 -3.66 40.85
CA HIS B 416 33.42 -2.32 40.34
C HIS B 416 33.53 -2.44 38.82
N TYR B 417 33.84 -1.33 38.17
CA TYR B 417 33.71 -1.31 36.72
C TYR B 417 34.80 -0.37 36.17
N LEU B 418 35.08 -0.47 34.88
CA LEU B 418 36.12 0.33 34.24
C LEU B 418 35.51 1.13 33.10
N SER B 419 35.55 2.45 33.20
CA SER B 419 34.99 3.34 32.19
C SER B 419 36.07 3.58 31.14
N THR B 420 35.98 2.87 30.02
CA THR B 420 36.97 2.98 28.96
C THR B 420 36.49 3.90 27.86
N GLN B 421 37.39 4.76 27.40
CA GLN B 421 37.17 5.68 26.29
C GLN B 421 38.37 5.57 25.36
N SER B 422 38.12 5.14 24.13
CA SER B 422 39.18 4.88 23.16
C SER B 422 38.95 5.67 21.88
N VAL B 423 40.05 6.17 21.31
CA VAL B 423 40.03 6.98 20.09
C VAL B 423 40.94 6.33 19.06
N LEU B 424 40.35 5.91 17.94
CA LEU B 424 41.09 5.26 16.87
C LEU B 424 41.46 6.29 15.82
N SER B 425 42.71 6.28 15.38
CA SER B 425 43.22 7.25 14.42
C SER B 425 44.19 6.56 13.47
N LYS B 426 44.74 7.33 12.53
CA LYS B 426 45.71 6.81 11.57
C LYS B 426 46.86 7.78 11.34
N ASP B 427 48.07 7.24 11.32
CA ASP B 427 49.29 7.95 10.96
C ASP B 427 49.28 8.21 9.45
N PRO B 428 49.13 9.46 9.00
CA PRO B 428 48.94 9.70 7.56
C PRO B 428 50.12 9.32 6.68
N ASN B 429 51.32 9.20 7.24
CA ASN B 429 52.49 8.85 6.44
C ASN B 429 52.63 7.34 6.29
N GLU B 430 52.11 6.56 7.25
CA GLU B 430 52.25 5.11 7.29
C GLU B 430 51.64 4.43 6.06
N LYS B 431 52.43 3.65 5.33
CA LYS B 431 51.86 2.93 4.19
C LYS B 431 51.33 1.55 4.54
N ARG B 432 51.88 0.92 5.54
CA ARG B 432 51.36 -0.38 5.93
C ARG B 432 50.11 -0.21 6.82
N ASP B 433 49.29 -1.28 6.91
CA ASP B 433 48.02 -1.23 7.66
C ASP B 433 48.26 -1.13 9.17
N HIS B 434 47.55 -0.23 9.85
CA HIS B 434 47.90 0.09 11.23
C HIS B 434 46.71 0.70 11.95
N MET B 435 46.90 0.95 13.25
CA MET B 435 45.90 1.59 14.09
C MET B 435 46.60 2.37 15.19
N VAL B 436 46.38 3.69 15.21
CA VAL B 436 46.89 4.54 16.27
C VAL B 436 45.77 4.68 17.30
N LEU B 437 46.06 4.29 18.54
CA LEU B 437 45.04 4.17 19.57
C LEU B 437 45.38 5.06 20.76
N LEU B 438 44.41 5.85 21.20
CA LEU B 438 44.49 6.57 22.46
C LEU B 438 43.34 6.10 23.33
N GLU B 439 43.66 5.67 24.56
CA GLU B 439 42.66 5.17 25.50
C GLU B 439 42.77 5.89 26.82
N PHE B 440 41.62 6.06 27.47
CA PHE B 440 41.58 6.71 28.77
C PHE B 440 40.65 5.85 29.62
N VAL B 441 41.19 5.18 30.64
CA VAL B 441 40.44 4.24 31.46
C VAL B 441 40.52 4.69 32.92
N THR B 442 39.37 4.76 33.59
CA THR B 442 39.30 5.13 35.00
C THR B 442 38.36 4.17 35.71
N ALA B 443 38.77 3.72 36.89
CA ALA B 443 37.92 2.82 37.68
C ALA B 443 36.83 3.59 38.40
N ALA B 444 35.68 2.95 38.56
CA ALA B 444 34.55 3.55 39.27
C ALA B 444 33.58 2.42 39.65
N GLY B 445 32.52 2.79 40.37
CA GLY B 445 31.54 1.84 40.86
C GLY B 445 31.52 1.70 42.38
N ILE B 446 32.48 2.29 43.08
CA ILE B 446 32.58 2.25 44.53
C ILE B 446 32.59 3.69 45.04
N THR B 447 31.67 4.00 45.96
CA THR B 447 31.47 5.36 46.41
C THR B 447 32.49 5.74 47.47
N HIS B 448 32.66 7.05 47.65
CA HIS B 448 33.62 7.59 48.61
C HIS B 448 32.99 8.61 49.56
#